data_9K34
#
_entry.id   9K34
#
_cell.length_a   75.988
_cell.length_b   101.630
_cell.length_c   146.793
_cell.angle_alpha   90.00
_cell.angle_beta   90.00
_cell.angle_gamma   90.00
#
_symmetry.space_group_name_H-M   'P 21 21 21'
#
loop_
_entity.id
_entity.type
_entity.pdbx_description
1 polymer 'Immunoglobulin gamma-1 heavy chain'
2 branched beta-D-galactopyranose-(1-4)-2-acetamido-2-deoxy-beta-D-glucopyranose-(1-2)-alpha-D-mannopyranose-(1-3)-[beta-D-galactopyranose-(1-4)-2-acetamido-2-deoxy-beta-D-glucopyranose-(1-2)-alpha-D-mannopyranose-(1-6)]beta-D-mannopyranose-(1-4)-2-acetamido-2-deoxy-beta-D-glucopyranose-(1-4)-2-acetamido-2-deoxy-beta-D-glucopyranose
3 branched beta-D-galactopyranose-(1-4)-2-acetamido-2-deoxy-beta-D-glucopyranose-(1-2)-alpha-D-mannopyranose-(1-6)-[2-acetamido-2-deoxy-beta-D-glucopyranose-(1-2)-alpha-D-mannopyranose-(1-3)]beta-D-mannopyranose-(1-4)-2-acetamido-2-deoxy-beta-D-glucopyranose-(1-4)-2-acetamido-2-deoxy-beta-D-glucopyranose
4 branched beta-D-galactopyranose-(1-4)-2-acetamido-2-deoxy-beta-D-glucopyranose-(1-2)-alpha-D-mannopyranose-(1-3)-[beta-D-galactopyranose-(1-4)-2-acetamido-2-deoxy-beta-D-glucopyranose-(1-2)-alpha-D-mannopyranose-(1-6)]beta-D-mannopyranose-(1-4)-2-acetamido-2-deoxy-beta-D-glucopyranose-(1-4)-[beta-L-fucopyranose-(1-6)]2-acetamido-2-deoxy-beta-D-glucopyranose
5 non-polymer beta-L-fucopyranose
6 water water
#
_entity_poly.entity_id   1
_entity_poly.type   'polypeptide(L)'
_entity_poly.pdbx_seq_one_letter_code
;TCPPCPAPELLGGPSVFLFPPKPKDTLMISRTPEVTCVVVDVSHEDPEVKFNWYVDGVEVHNAKTKPREEQYNSTYRVVS
VLTVLHQDWLNGKEYKCKVSNKALPAPIEKTISKAKGQPREPQVYTLPPSRREWRKEEVSLTCLVKGFYPSDIAVEWESN
GQPENNYKTTPPVLDSDGSFFLYSKLTVEASRWWQGNVFSCSVMHEALHNHYTQWSLSRSPGK
;
_entity_poly.pdbx_strand_id   A,B,C,D
#
loop_
_chem_comp.id
_chem_comp.type
_chem_comp.name
_chem_comp.formula
BMA D-saccharide, beta linking beta-D-mannopyranose 'C6 H12 O6'
FUL L-saccharide, beta linking beta-L-fucopyranose 'C6 H12 O5'
GAL D-saccharide, beta linking beta-D-galactopyranose 'C6 H12 O6'
MAN D-saccharide, alpha linking alpha-D-mannopyranose 'C6 H12 O6'
NAG D-saccharide, beta linking 2-acetamido-2-deoxy-beta-D-glucopyranose 'C8 H15 N O6'
#
# COMPACT_ATOMS: atom_id res chain seq x y z
N PRO A 14 35.30 -24.27 20.49
CA PRO A 14 34.15 -23.50 20.96
C PRO A 14 33.37 -22.80 19.83
N SER A 15 32.46 -23.55 19.19
CA SER A 15 31.60 -23.06 18.11
C SER A 15 30.51 -24.09 17.81
N VAL A 16 29.24 -23.69 17.88
CA VAL A 16 28.11 -24.57 17.57
C VAL A 16 27.12 -23.80 16.70
N PHE A 17 26.19 -24.55 16.09
CA PHE A 17 25.22 -23.95 15.18
C PHE A 17 23.89 -24.70 15.26
N LEU A 18 22.82 -23.95 15.03
CA LEU A 18 21.46 -24.48 15.11
C LEU A 18 20.74 -24.19 13.79
N PHE A 19 20.17 -25.24 13.20
CA PHE A 19 19.51 -25.11 11.91
C PHE A 19 18.04 -25.51 12.02
N PRO A 20 17.16 -24.77 11.37
CA PRO A 20 15.72 -25.01 11.53
C PRO A 20 15.24 -26.08 10.58
N PRO A 21 14.00 -26.57 10.74
CA PRO A 21 13.48 -27.58 9.81
C PRO A 21 13.21 -27.01 8.43
N LYS A 22 13.34 -27.87 7.42
CA LYS A 22 13.11 -27.46 6.04
C LYS A 22 11.64 -27.10 5.83
N PRO A 23 11.36 -25.99 5.13
CA PRO A 23 9.98 -25.48 5.09
C PRO A 23 8.95 -26.49 4.66
N LYS A 24 9.33 -27.40 3.77
CA LYS A 24 8.39 -28.38 3.23
C LYS A 24 8.08 -29.48 4.24
N ASP A 25 9.06 -29.86 5.08
CA ASP A 25 8.82 -30.85 6.13
C ASP A 25 7.79 -30.39 7.14
N THR A 26 7.56 -29.08 7.24
CA THR A 26 6.59 -28.55 8.19
C THR A 26 5.19 -28.41 7.60
N LEU A 27 5.08 -28.41 6.28
CA LEU A 27 3.81 -28.17 5.59
C LEU A 27 3.13 -29.46 5.15
N MET A 28 3.62 -30.61 5.60
CA MET A 28 3.10 -31.89 5.11
C MET A 28 3.18 -32.90 6.24
N ILE A 29 2.02 -33.40 6.69
CA ILE A 29 1.99 -34.40 7.76
C ILE A 29 2.87 -35.59 7.42
N SER A 30 3.03 -35.89 6.12
CA SER A 30 3.76 -37.07 5.67
C SER A 30 5.28 -36.89 5.69
N ARG A 31 5.77 -35.81 6.28
CA ARG A 31 7.19 -35.64 6.53
C ARG A 31 7.39 -35.30 8.00
N THR A 32 8.65 -35.28 8.44
CA THR A 32 8.96 -34.94 9.82
C THR A 32 9.97 -33.81 9.85
N PRO A 33 9.61 -32.65 10.40
CA PRO A 33 10.60 -31.59 10.61
C PRO A 33 11.66 -32.00 11.61
N GLU A 34 12.82 -31.37 11.51
CA GLU A 34 13.95 -31.71 12.37
C GLU A 34 14.77 -30.46 12.60
N VAL A 35 15.10 -30.20 13.86
CA VAL A 35 16.09 -29.18 14.21
C VAL A 35 17.43 -29.87 14.39
N THR A 36 18.50 -29.20 13.97
CA THR A 36 19.83 -29.81 13.90
C THR A 36 20.83 -28.98 14.68
N CYS A 37 21.38 -29.56 15.74
CA CYS A 37 22.50 -28.98 16.47
C CYS A 37 23.78 -29.67 16.04
N VAL A 38 24.78 -28.88 15.65
CA VAL A 38 26.07 -29.41 15.23
C VAL A 38 27.16 -28.78 16.10
N VAL A 39 28.27 -29.49 16.20
CA VAL A 39 29.47 -29.03 16.89
C VAL A 39 30.64 -29.17 15.93
N VAL A 40 31.50 -28.16 15.90
CA VAL A 40 32.63 -28.13 14.98
C VAL A 40 33.67 -27.19 15.54
N ASP A 41 34.95 -27.49 15.29
CA ASP A 41 36.06 -26.71 15.83
C ASP A 41 35.99 -26.63 17.36
N VAL A 42 35.49 -27.69 18.00
CA VAL A 42 35.39 -27.70 19.45
C VAL A 42 36.03 -28.95 20.02
N SER A 43 35.54 -30.11 19.61
CA SER A 43 36.01 -31.37 20.20
C SER A 43 37.44 -31.61 19.78
N HIS A 44 38.38 -31.44 20.74
CA HIS A 44 39.80 -31.56 20.48
C HIS A 44 40.31 -32.77 21.24
N GLU A 45 40.84 -32.60 22.46
CA GLU A 45 41.23 -33.71 23.31
C GLU A 45 40.11 -34.12 24.27
N ASP A 46 39.01 -33.37 24.30
CA ASP A 46 37.91 -33.59 25.23
C ASP A 46 36.62 -33.70 24.44
N PRO A 47 36.21 -34.92 24.07
CA PRO A 47 34.95 -35.09 23.36
C PRO A 47 33.76 -35.14 24.31
N GLU A 48 32.84 -36.08 24.07
CA GLU A 48 31.63 -36.27 24.86
C GLU A 48 30.89 -34.96 25.10
N VAL A 49 30.19 -34.48 24.07
CA VAL A 49 29.28 -33.35 24.23
C VAL A 49 27.96 -33.85 24.81
N LYS A 50 27.30 -33.01 25.58
CA LYS A 50 26.01 -33.34 26.18
C LYS A 50 24.96 -32.34 25.70
N PHE A 51 24.19 -32.74 24.68
CA PHE A 51 23.10 -31.91 24.20
C PHE A 51 21.90 -32.02 25.16
N ASN A 52 21.30 -30.87 25.50
CA ASN A 52 20.07 -30.83 26.28
C ASN A 52 19.05 -29.99 25.52
N TRP A 53 17.97 -30.64 25.06
CA TRP A 53 16.97 -29.99 24.23
C TRP A 53 15.78 -29.57 25.09
N TYR A 54 15.26 -28.36 24.83
CA TYR A 54 14.15 -27.80 25.58
C TYR A 54 13.13 -27.21 24.63
N VAL A 55 11.87 -27.62 24.77
CA VAL A 55 10.76 -27.19 23.91
C VAL A 55 9.95 -26.15 24.69
N ASP A 56 10.03 -24.89 24.27
CA ASP A 56 9.45 -23.74 24.97
C ASP A 56 9.73 -23.80 26.47
N GLY A 57 11.00 -24.01 26.80
CA GLY A 57 11.45 -24.17 28.18
C GLY A 57 11.40 -25.60 28.74
N VAL A 58 10.33 -26.33 28.43
CA VAL A 58 10.12 -27.66 29.00
C VAL A 58 11.16 -28.64 28.44
N GLU A 59 11.50 -29.63 29.25
CA GLU A 59 12.52 -30.60 28.87
C GLU A 59 11.94 -31.63 27.90
N VAL A 60 12.79 -32.07 26.98
CA VAL A 60 12.43 -33.09 26.01
C VAL A 60 13.65 -33.98 25.81
N HIS A 61 13.45 -35.29 25.85
CA HIS A 61 14.45 -36.15 25.25
C HIS A 61 14.13 -36.32 23.78
N ASN A 62 13.63 -37.50 23.38
CA ASN A 62 13.23 -37.78 22.00
C ASN A 62 14.35 -37.57 20.97
N ALA A 63 15.45 -36.93 21.38
CA ALA A 63 16.50 -36.52 20.45
C ALA A 63 17.47 -37.66 20.20
N LYS A 64 18.03 -37.69 18.99
CA LYS A 64 18.92 -38.77 18.54
C LYS A 64 20.21 -38.14 18.02
N THR A 65 21.15 -37.87 18.94
CA THR A 65 22.47 -37.42 18.54
C THR A 65 23.23 -38.56 17.87
N LYS A 66 24.29 -38.20 17.17
CA LYS A 66 25.01 -39.14 16.33
C LYS A 66 26.47 -39.29 16.78
N PRO A 67 27.13 -40.38 16.41
CA PRO A 67 28.57 -40.51 16.69
C PRO A 67 29.36 -39.37 16.09
N ARG A 68 30.62 -39.26 16.51
CA ARG A 68 31.48 -38.15 16.11
C ARG A 68 32.15 -38.42 14.76
N GLU A 69 32.43 -37.34 14.04
CA GLU A 69 33.09 -37.40 12.74
C GLU A 69 34.35 -36.54 12.77
N GLU A 70 35.48 -37.13 12.38
CA GLU A 70 36.77 -36.46 12.40
C GLU A 70 37.14 -35.99 11.00
N GLN A 71 37.37 -34.70 10.84
CA GLN A 71 37.79 -34.10 9.58
C GLN A 71 39.30 -33.87 9.60
N TYR A 72 39.84 -33.40 8.46
CA TYR A 72 41.20 -32.88 8.45
C TYR A 72 41.32 -31.49 9.09
N ASN A 73 40.22 -30.99 9.67
CA ASN A 73 40.30 -29.84 10.55
C ASN A 73 40.97 -30.17 11.88
N SER A 74 41.38 -31.43 12.07
CA SER A 74 41.89 -31.98 13.32
C SER A 74 40.79 -32.02 14.37
N THR A 75 39.66 -31.39 14.08
CA THR A 75 38.57 -31.23 15.02
C THR A 75 37.63 -32.44 14.93
N TYR A 76 36.49 -32.33 15.59
CA TYR A 76 35.44 -33.33 15.49
C TYR A 76 34.14 -32.64 15.13
N ARG A 77 33.10 -33.46 14.91
CA ARG A 77 31.80 -32.94 14.47
C ARG A 77 30.73 -33.82 15.09
N VAL A 78 30.12 -33.35 16.17
CA VAL A 78 29.00 -34.03 16.82
C VAL A 78 27.70 -33.35 16.38
N VAL A 79 26.79 -34.14 15.82
CA VAL A 79 25.52 -33.62 15.33
C VAL A 79 24.39 -34.26 16.12
N SER A 80 23.41 -33.44 16.52
CA SER A 80 22.26 -33.90 17.29
C SER A 80 20.98 -33.40 16.62
N VAL A 81 20.11 -34.33 16.23
CA VAL A 81 18.93 -34.02 15.44
C VAL A 81 17.70 -34.34 16.28
N LEU A 82 16.97 -33.30 16.69
CA LEU A 82 15.69 -33.44 17.37
C LEU A 82 14.57 -33.32 16.33
N THR A 83 13.56 -34.18 16.45
CA THR A 83 12.40 -34.11 15.57
C THR A 83 11.38 -33.14 16.13
N VAL A 84 10.76 -32.38 15.24
CA VAL A 84 9.84 -31.31 15.59
C VAL A 84 8.43 -31.75 15.22
N LEU A 85 7.46 -31.32 16.01
CA LEU A 85 6.06 -31.57 15.72
C LEU A 85 5.45 -30.37 15.01
N HIS A 86 4.66 -30.66 13.95
CA HIS A 86 4.22 -29.62 13.04
C HIS A 86 3.43 -28.53 13.74
N GLN A 87 2.69 -28.87 14.80
CA GLN A 87 1.89 -27.87 15.49
C GLN A 87 2.75 -26.97 16.37
N ASP A 88 3.69 -27.55 17.11
CA ASP A 88 4.61 -26.74 17.90
C ASP A 88 5.28 -25.68 17.03
N TRP A 89 5.91 -26.11 15.93
CA TRP A 89 6.55 -25.17 15.03
C TRP A 89 5.56 -24.14 14.51
N LEU A 90 4.44 -24.61 13.97
CA LEU A 90 3.39 -23.71 13.50
C LEU A 90 2.96 -22.72 14.57
N ASN A 91 3.17 -23.04 15.84
CA ASN A 91 2.84 -22.15 16.94
C ASN A 91 4.07 -21.52 17.58
N GLY A 92 5.18 -21.42 16.81
CA GLY A 92 6.36 -20.67 17.19
C GLY A 92 7.11 -21.12 18.42
N LYS A 93 6.94 -22.37 18.85
CA LYS A 93 7.62 -22.87 20.04
C LYS A 93 9.13 -22.87 19.84
N GLU A 94 9.86 -22.65 20.93
CA GLU A 94 11.30 -22.44 20.88
C GLU A 94 12.04 -23.68 21.39
N TYR A 95 13.16 -24.00 20.73
CA TYR A 95 13.93 -25.21 21.00
C TYR A 95 15.35 -24.81 21.37
N LYS A 96 15.96 -25.49 22.36
CA LYS A 96 17.24 -25.10 22.94
C LYS A 96 18.33 -26.15 22.69
N CYS A 97 19.57 -25.80 23.07
CA CYS A 97 20.74 -26.69 22.97
C CYS A 97 21.69 -26.45 24.15
N LYS A 98 22.63 -27.36 24.35
CA LYS A 98 23.52 -27.30 25.52
C LYS A 98 24.93 -27.78 25.14
N VAL A 99 25.75 -28.11 26.16
CA VAL A 99 27.20 -27.93 26.18
C VAL A 99 27.94 -29.27 26.30
N SER A 100 29.21 -29.24 25.92
CA SER A 100 30.12 -30.37 26.03
C SER A 100 30.78 -30.45 27.41
N ASN A 101 32.11 -30.38 27.44
CA ASN A 101 32.90 -30.72 28.61
C ASN A 101 33.67 -29.52 29.18
N LYS A 102 34.83 -29.82 29.79
CA LYS A 102 35.69 -28.79 30.38
C LYS A 102 36.24 -27.83 29.31
N ALA A 103 36.24 -28.22 28.04
CA ALA A 103 36.69 -27.35 26.95
C ALA A 103 35.92 -26.04 26.81
N LEU A 104 34.83 -25.80 27.57
CA LEU A 104 33.96 -24.64 27.38
C LEU A 104 33.56 -24.07 28.73
N PRO A 105 34.11 -22.93 29.13
CA PRO A 105 33.61 -22.26 30.35
C PRO A 105 32.25 -21.65 30.13
N ALA A 106 31.86 -21.42 28.88
CA ALA A 106 30.61 -20.77 28.55
C ALA A 106 29.59 -21.79 28.09
N PRO A 107 28.43 -21.89 28.74
CA PRO A 107 27.34 -22.69 28.19
C PRO A 107 26.87 -22.17 26.83
N ILE A 108 26.49 -23.10 25.96
CA ILE A 108 25.93 -22.79 24.65
C ILE A 108 24.43 -23.08 24.69
N GLU A 109 23.63 -22.07 24.39
CA GLU A 109 22.17 -22.18 24.51
C GLU A 109 21.52 -21.55 23.29
N LYS A 110 22.02 -21.90 22.11
CA LYS A 110 21.43 -21.41 20.88
C LYS A 110 20.01 -21.97 20.72
N THR A 111 19.08 -21.08 20.39
CA THR A 111 17.66 -21.42 20.35
C THR A 111 17.03 -20.83 19.10
N ILE A 112 16.06 -21.56 18.53
CA ILE A 112 15.45 -21.19 17.26
C ILE A 112 13.93 -21.39 17.34
N SER A 113 13.21 -20.55 16.60
CA SER A 113 11.75 -20.50 16.61
C SER A 113 11.27 -20.26 15.19
N LYS A 114 9.96 -20.42 14.97
CA LYS A 114 9.40 -20.04 13.68
C LYS A 114 9.53 -18.53 13.46
N ALA A 115 9.62 -18.14 12.20
CA ALA A 115 9.66 -16.72 11.82
C ALA A 115 8.52 -15.97 12.50
N LYS A 116 8.88 -15.08 13.41
CA LYS A 116 7.91 -14.30 14.15
C LYS A 116 7.40 -13.13 13.30
N GLY A 117 6.13 -12.76 13.49
CA GLY A 117 5.52 -11.71 12.71
C GLY A 117 4.13 -12.05 12.23
N GLN A 118 3.44 -11.08 11.64
CA GLN A 118 2.05 -11.28 11.22
C GLN A 118 2.02 -12.19 9.99
N PRO A 119 1.22 -13.25 9.99
CA PRO A 119 1.18 -14.15 8.83
C PRO A 119 0.26 -13.62 7.73
N ARG A 120 0.71 -13.75 6.48
CA ARG A 120 -0.05 -13.28 5.33
C ARG A 120 -0.21 -14.41 4.32
N GLU A 121 -1.47 -14.68 3.90
CA GLU A 121 -1.72 -15.73 2.93
C GLU A 121 -1.28 -15.26 1.53
N PRO A 122 -0.70 -16.14 0.73
CA PRO A 122 -0.35 -15.76 -0.64
C PRO A 122 -1.54 -15.82 -1.58
N GLN A 123 -1.45 -14.98 -2.62
CA GLN A 123 -2.35 -15.05 -3.76
C GLN A 123 -1.61 -15.73 -4.91
N VAL A 124 -2.23 -16.74 -5.49
CA VAL A 124 -1.59 -17.60 -6.47
C VAL A 124 -2.41 -17.58 -7.75
N TYR A 125 -1.78 -17.14 -8.84
CA TYR A 125 -2.40 -16.93 -10.14
C TYR A 125 -1.71 -17.81 -11.19
N THR A 126 -2.52 -18.39 -12.07
CA THR A 126 -2.01 -19.20 -13.16
C THR A 126 -1.82 -18.33 -14.39
N LEU A 127 -0.66 -18.47 -15.03
CA LEU A 127 -0.50 -17.69 -16.25
C LEU A 127 -0.19 -18.61 -17.43
N PRO A 128 -0.77 -18.32 -18.60
CA PRO A 128 -0.56 -19.19 -19.75
C PRO A 128 0.71 -18.81 -20.49
N PRO A 129 1.11 -19.61 -21.48
CA PRO A 129 2.30 -19.24 -22.28
C PRO A 129 2.09 -17.94 -23.03
N SER A 130 3.20 -17.27 -23.34
CA SER A 130 3.13 -16.12 -24.24
C SER A 130 2.82 -16.60 -25.66
N ARG A 131 2.13 -15.74 -26.42
CA ARG A 131 1.86 -16.05 -27.81
C ARG A 131 3.16 -16.21 -28.61
N ARG A 132 4.21 -15.50 -28.19
CA ARG A 132 5.52 -15.65 -28.84
C ARG A 132 6.10 -17.03 -28.64
N GLU A 133 5.79 -17.69 -27.52
CA GLU A 133 6.26 -19.05 -27.27
C GLU A 133 5.63 -20.07 -28.20
N TRP A 134 4.45 -19.76 -28.76
CA TRP A 134 3.69 -20.74 -29.54
C TRP A 134 4.52 -21.30 -30.67
N ARG A 135 4.36 -22.60 -30.91
CA ARG A 135 4.98 -23.36 -31.98
C ARG A 135 6.38 -23.86 -31.62
N LYS A 136 7.03 -23.24 -30.64
CA LYS A 136 8.27 -23.83 -30.13
C LYS A 136 7.98 -25.19 -29.48
N GLU A 137 8.97 -26.08 -29.54
CA GLU A 137 8.70 -27.48 -29.19
C GLU A 137 8.32 -27.62 -27.73
N GLU A 138 8.91 -26.80 -26.85
CA GLU A 138 8.62 -26.83 -25.43
C GLU A 138 8.07 -25.48 -25.02
N VAL A 139 6.92 -25.48 -24.35
CA VAL A 139 6.28 -24.26 -23.88
C VAL A 139 6.34 -24.19 -22.36
N SER A 140 6.16 -22.97 -21.85
CA SER A 140 6.33 -22.68 -20.43
C SER A 140 5.02 -22.21 -19.80
N LEU A 141 4.81 -22.67 -18.57
CA LEU A 141 3.65 -22.31 -17.76
C LEU A 141 4.14 -21.69 -16.46
N THR A 142 3.64 -20.51 -16.13
CA THR A 142 4.09 -19.75 -14.98
C THR A 142 2.97 -19.59 -13.98
N CYS A 143 3.31 -19.87 -12.72
CA CYS A 143 2.46 -19.59 -11.57
C CYS A 143 3.09 -18.42 -10.82
N LEU A 144 2.28 -17.43 -10.46
CA LEU A 144 2.72 -16.32 -9.64
C LEU A 144 2.08 -16.44 -8.27
N VAL A 145 2.89 -16.36 -7.22
CA VAL A 145 2.43 -16.49 -5.84
C VAL A 145 3.06 -15.34 -5.06
N LYS A 146 2.21 -14.46 -4.52
CA LYS A 146 2.67 -13.19 -3.97
C LYS A 146 1.89 -12.87 -2.71
N GLY A 147 2.53 -12.12 -1.82
CA GLY A 147 1.87 -11.66 -0.61
C GLY A 147 1.92 -12.61 0.57
N PHE A 148 2.84 -13.56 0.58
CA PHE A 148 2.91 -14.46 1.72
C PHE A 148 3.98 -14.02 2.71
N TYR A 149 3.84 -14.53 3.95
CA TYR A 149 4.73 -14.35 5.08
C TYR A 149 4.34 -15.34 6.18
N PRO A 150 5.30 -16.14 6.71
CA PRO A 150 6.74 -16.19 6.41
C PRO A 150 7.09 -16.76 5.03
N SER A 151 8.39 -16.92 4.77
CA SER A 151 8.85 -17.49 3.50
C SER A 151 8.72 -19.01 3.45
N ASP A 152 8.14 -19.63 4.46
CA ASP A 152 7.86 -21.07 4.45
C ASP A 152 6.78 -21.35 3.42
N ILE A 153 7.15 -22.01 2.32
CA ILE A 153 6.20 -22.25 1.25
C ILE A 153 6.70 -23.42 0.41
N ALA A 154 5.76 -24.13 -0.21
CA ALA A 154 6.07 -25.26 -1.08
C ALA A 154 5.23 -25.12 -2.35
N VAL A 155 5.89 -25.04 -3.48
CA VAL A 155 5.22 -25.01 -4.78
C VAL A 155 5.50 -26.32 -5.50
N GLU A 156 4.52 -26.76 -6.30
CA GLU A 156 4.62 -28.05 -6.98
C GLU A 156 3.62 -28.07 -8.12
N TRP A 157 4.10 -28.23 -9.35
CA TRP A 157 3.23 -28.46 -10.49
C TRP A 157 2.87 -29.93 -10.58
N GLU A 158 1.61 -30.21 -10.93
CA GLU A 158 1.17 -31.56 -11.18
C GLU A 158 0.28 -31.58 -12.41
N SER A 159 0.13 -32.77 -12.99
CA SER A 159 -0.84 -33.00 -14.05
C SER A 159 -1.44 -34.38 -13.85
N ASN A 160 -2.76 -34.43 -13.79
CA ASN A 160 -3.49 -35.66 -13.45
C ASN A 160 -3.10 -36.16 -12.06
N GLY A 161 -2.84 -35.23 -11.15
CA GLY A 161 -2.42 -35.62 -9.83
C GLY A 161 -1.00 -36.13 -9.77
N GLN A 162 -0.38 -36.39 -10.91
CA GLN A 162 1.03 -36.76 -10.92
C GLN A 162 1.88 -35.50 -10.98
N PRO A 163 2.93 -35.40 -10.17
CA PRO A 163 3.73 -34.16 -10.16
C PRO A 163 4.64 -34.10 -11.37
N GLU A 164 4.85 -32.87 -11.84
CA GLU A 164 5.71 -32.69 -13.00
C GLU A 164 7.17 -32.80 -12.60
N ASN A 165 8.02 -33.00 -13.61
CA ASN A 165 9.44 -33.17 -13.39
C ASN A 165 10.28 -32.05 -13.99
N ASN A 166 9.72 -31.25 -14.89
CA ASN A 166 10.43 -30.12 -15.49
C ASN A 166 9.89 -28.78 -14.97
N TYR A 167 9.59 -28.69 -13.68
CA TYR A 167 9.30 -27.40 -13.08
C TYR A 167 10.51 -26.92 -12.31
N LYS A 168 10.62 -25.60 -12.15
CA LYS A 168 11.68 -24.99 -11.37
C LYS A 168 11.12 -23.75 -10.69
N THR A 169 11.20 -23.72 -9.36
CA THR A 169 10.81 -22.60 -8.53
C THR A 169 11.99 -21.69 -8.24
N THR A 170 11.70 -20.46 -7.89
CA THR A 170 12.72 -19.45 -7.62
C THR A 170 12.84 -19.20 -6.13
N PRO A 171 13.89 -18.48 -5.69
CA PRO A 171 13.92 -18.05 -4.30
C PRO A 171 12.80 -17.06 -4.02
N PRO A 172 12.24 -17.08 -2.81
CA PRO A 172 11.27 -16.05 -2.43
C PRO A 172 11.96 -14.72 -2.20
N VAL A 173 11.41 -13.67 -2.82
CA VAL A 173 11.98 -12.33 -2.83
C VAL A 173 11.05 -11.40 -2.05
N LEU A 174 11.64 -10.46 -1.31
CA LEU A 174 10.85 -9.52 -0.53
C LEU A 174 10.29 -8.41 -1.40
N ASP A 175 9.04 -8.04 -1.13
CA ASP A 175 8.31 -7.01 -1.84
C ASP A 175 8.41 -5.69 -1.09
N SER A 176 7.70 -4.67 -1.59
CA SER A 176 7.62 -3.41 -0.88
C SER A 176 6.89 -3.57 0.45
N ASP A 177 5.76 -4.27 0.43
CA ASP A 177 4.85 -4.34 1.58
C ASP A 177 5.33 -5.35 2.62
N GLY A 178 6.64 -5.59 2.69
CA GLY A 178 7.14 -6.65 3.57
C GLY A 178 6.62 -8.03 3.20
N SER A 179 6.17 -8.21 1.95
CA SER A 179 5.61 -9.47 1.51
C SER A 179 6.66 -10.24 0.72
N PHE A 180 6.30 -11.43 0.29
CA PHE A 180 7.16 -12.23 -0.58
C PHE A 180 6.42 -12.56 -1.85
N PHE A 181 7.19 -12.86 -2.89
CA PHE A 181 6.65 -13.46 -4.09
C PHE A 181 7.69 -14.41 -4.65
N LEU A 182 7.26 -15.24 -5.58
CA LEU A 182 8.18 -16.02 -6.39
C LEU A 182 7.46 -16.40 -7.68
N TYR A 183 8.15 -17.14 -8.53
CA TYR A 183 7.49 -17.74 -9.67
C TYR A 183 7.91 -19.19 -9.79
N SER A 184 7.04 -19.98 -10.42
CA SER A 184 7.37 -21.35 -10.76
C SER A 184 7.09 -21.55 -12.24
N LYS A 185 8.08 -22.02 -12.98
CA LYS A 185 7.97 -22.18 -14.42
C LYS A 185 7.86 -23.65 -14.74
N LEU A 186 6.77 -24.04 -15.38
CA LEU A 186 6.56 -25.42 -15.80
C LEU A 186 6.87 -25.50 -17.29
N THR A 187 8.06 -25.97 -17.63
CA THR A 187 8.40 -26.24 -19.01
C THR A 187 7.75 -27.56 -19.43
N VAL A 188 7.04 -27.53 -20.55
CA VAL A 188 6.23 -28.67 -20.98
C VAL A 188 6.24 -28.70 -22.50
N GLU A 189 6.29 -29.91 -23.06
CA GLU A 189 6.37 -30.04 -24.51
C GLU A 189 5.04 -29.61 -25.13
N ALA A 190 5.14 -28.95 -26.29
CA ALA A 190 3.99 -28.25 -26.85
C ALA A 190 2.80 -29.18 -27.07
N SER A 191 3.06 -30.47 -27.30
CA SER A 191 1.99 -31.42 -27.55
C SER A 191 1.04 -31.50 -26.36
N ARG A 192 1.57 -31.83 -25.18
CA ARG A 192 0.72 -31.99 -24.00
C ARG A 192 -0.12 -30.75 -23.73
N TRP A 193 0.38 -29.57 -24.10
CA TRP A 193 -0.39 -28.35 -23.92
C TRP A 193 -1.48 -28.22 -24.97
N TRP A 194 -1.10 -28.22 -26.26
CA TRP A 194 -2.06 -27.97 -27.33
C TRP A 194 -3.16 -29.03 -27.34
N GLN A 195 -2.83 -30.26 -26.95
CA GLN A 195 -3.83 -31.32 -26.84
C GLN A 195 -5.01 -30.89 -25.97
N GLY A 196 -4.72 -30.33 -24.79
CA GLY A 196 -5.75 -29.83 -23.90
C GLY A 196 -5.60 -30.33 -22.47
N ASN A 197 -4.50 -31.04 -22.19
CA ASN A 197 -4.23 -31.53 -20.85
C ASN A 197 -4.10 -30.38 -19.86
N VAL A 198 -4.69 -30.58 -18.67
CA VAL A 198 -4.66 -29.59 -17.61
C VAL A 198 -3.40 -29.79 -16.76
N PHE A 199 -2.70 -28.69 -16.48
CA PHE A 199 -1.67 -28.68 -15.46
C PHE A 199 -2.09 -27.74 -14.33
N SER A 200 -1.52 -27.95 -13.16
CA SER A 200 -1.92 -27.18 -11.99
C SER A 200 -0.80 -27.17 -10.96
N CYS A 201 -0.58 -26.01 -10.35
CA CYS A 201 0.42 -25.85 -9.31
C CYS A 201 -0.24 -25.89 -7.94
N SER A 202 0.52 -26.38 -6.96
CA SER A 202 0.03 -26.58 -5.61
C SER A 202 0.94 -25.78 -4.69
N VAL A 203 0.36 -24.85 -3.94
CA VAL A 203 1.10 -24.08 -2.95
C VAL A 203 0.60 -24.48 -1.57
N MET A 204 1.54 -24.91 -0.71
CA MET A 204 1.26 -25.16 0.69
C MET A 204 1.92 -24.04 1.50
N HIS A 205 1.13 -23.36 2.32
CA HIS A 205 1.64 -22.28 3.15
C HIS A 205 0.74 -22.14 4.36
N GLU A 206 1.34 -21.71 5.48
CA GLU A 206 0.66 -21.80 6.76
C GLU A 206 -0.60 -20.93 6.82
N ALA A 207 -0.65 -19.83 6.07
CA ALA A 207 -1.74 -18.87 6.18
C ALA A 207 -2.88 -19.11 5.19
N LEU A 208 -2.79 -20.13 4.35
CA LEU A 208 -3.89 -20.48 3.47
C LEU A 208 -5.00 -21.17 4.25
N HIS A 209 -6.19 -21.25 3.65
CA HIS A 209 -7.27 -22.00 4.27
C HIS A 209 -6.98 -23.48 4.18
N ASN A 210 -6.94 -24.14 5.34
CA ASN A 210 -6.47 -25.52 5.48
C ASN A 210 -5.06 -25.72 4.93
N HIS A 211 -4.31 -24.62 4.76
CA HIS A 211 -2.89 -24.57 4.42
C HIS A 211 -2.57 -25.10 3.04
N TYR A 212 -3.58 -25.29 2.19
CA TYR A 212 -3.39 -25.79 0.84
C TYR A 212 -4.21 -24.94 -0.11
N THR A 213 -3.78 -24.91 -1.37
CA THR A 213 -4.54 -24.33 -2.46
C THR A 213 -4.08 -25.00 -3.73
N GLN A 214 -4.93 -24.93 -4.76
CA GLN A 214 -4.56 -25.52 -6.04
C GLN A 214 -5.31 -24.84 -7.16
N TRP A 215 -4.59 -24.15 -8.03
CA TRP A 215 -5.16 -23.49 -9.19
C TRP A 215 -4.68 -24.17 -10.46
N SER A 216 -5.63 -24.56 -11.29
CA SER A 216 -5.35 -25.34 -12.49
C SER A 216 -5.38 -24.45 -13.72
N LEU A 217 -4.89 -25.00 -14.82
CA LEU A 217 -4.69 -24.22 -16.03
C LEU A 217 -4.61 -25.16 -17.22
N SER A 218 -5.31 -24.79 -18.30
CA SER A 218 -5.19 -25.49 -19.56
C SER A 218 -5.70 -24.55 -20.66
N ARG A 219 -5.45 -24.95 -21.91
CA ARG A 219 -5.95 -24.19 -23.06
C ARG A 219 -5.76 -25.00 -24.36
N GLY B 12 42.68 -15.88 8.80
CA GLY B 12 42.54 -16.14 10.22
C GLY B 12 42.03 -14.93 10.99
N GLY B 13 40.78 -14.55 10.71
CA GLY B 13 40.19 -13.37 11.27
C GLY B 13 39.79 -12.38 10.20
N PRO B 14 40.75 -11.69 9.60
CA PRO B 14 40.44 -10.74 8.52
C PRO B 14 40.05 -11.49 7.27
N SER B 15 38.80 -11.31 6.83
CA SER B 15 38.23 -12.02 5.70
C SER B 15 38.08 -11.06 4.52
N VAL B 16 38.56 -11.47 3.36
CA VAL B 16 38.51 -10.66 2.15
C VAL B 16 37.44 -11.25 1.24
N PHE B 17 36.50 -10.41 0.81
CA PHE B 17 35.50 -10.76 -0.18
C PHE B 17 35.59 -9.80 -1.36
N LEU B 18 35.52 -10.35 -2.57
CA LEU B 18 35.63 -9.61 -3.81
C LEU B 18 34.28 -9.61 -4.51
N PHE B 19 33.92 -8.50 -5.13
CA PHE B 19 32.63 -8.43 -5.78
C PHE B 19 32.78 -7.91 -7.21
N PRO B 20 32.11 -8.54 -8.17
CA PRO B 20 32.17 -8.07 -9.54
C PRO B 20 31.48 -6.71 -9.67
N PRO B 21 31.55 -6.08 -10.83
CA PRO B 21 30.81 -4.83 -11.02
C PRO B 21 29.33 -5.11 -11.18
N LYS B 22 28.54 -4.09 -10.86
CA LYS B 22 27.11 -4.17 -11.11
C LYS B 22 26.85 -4.42 -12.60
N PRO B 23 25.85 -5.23 -12.94
CA PRO B 23 25.66 -5.58 -14.36
C PRO B 23 25.40 -4.36 -15.23
N LYS B 24 24.50 -3.46 -14.81
CA LYS B 24 24.16 -2.29 -15.60
C LYS B 24 25.35 -1.38 -15.86
N ASP B 25 26.41 -1.47 -15.04
CA ASP B 25 27.61 -0.67 -15.28
C ASP B 25 28.51 -1.28 -16.34
N THR B 26 28.49 -2.62 -16.48
CA THR B 26 29.32 -3.28 -17.47
C THR B 26 28.70 -3.21 -18.85
N LEU B 27 27.37 -3.30 -18.94
CA LEU B 27 26.68 -3.41 -20.21
C LEU B 27 26.44 -2.09 -20.91
N MET B 28 26.65 -0.96 -20.24
CA MET B 28 26.53 0.35 -20.86
C MET B 28 27.91 0.92 -21.14
N ILE B 29 28.12 1.39 -22.37
CA ILE B 29 29.45 1.85 -22.78
C ILE B 29 29.85 3.13 -22.06
N SER B 30 28.89 3.89 -21.51
CA SER B 30 29.18 5.16 -20.86
C SER B 30 29.51 5.00 -19.38
N ARG B 31 28.76 4.19 -18.65
CA ARG B 31 29.03 3.97 -17.24
C ARG B 31 30.37 3.25 -17.06
N THR B 32 31.03 3.52 -15.93
CA THR B 32 32.33 2.92 -15.65
C THR B 32 32.21 1.89 -14.52
N PRO B 33 32.44 0.60 -14.81
CA PRO B 33 32.25 -0.44 -13.78
C PRO B 33 33.28 -0.38 -12.65
N GLU B 34 33.12 -1.25 -11.64
CA GLU B 34 33.89 -1.15 -10.40
C GLU B 34 33.89 -2.50 -9.69
N VAL B 35 35.04 -3.18 -9.65
CA VAL B 35 35.21 -4.36 -8.81
C VAL B 35 35.64 -3.91 -7.41
N THR B 36 35.10 -4.58 -6.40
CA THR B 36 35.19 -4.10 -5.02
C THR B 36 35.79 -5.20 -4.16
N CYS B 37 36.90 -4.89 -3.52
CA CYS B 37 37.62 -5.83 -2.66
C CYS B 37 37.44 -5.35 -1.23
N VAL B 38 36.57 -6.00 -0.49
CA VAL B 38 36.27 -5.59 0.89
C VAL B 38 36.97 -6.57 1.82
N VAL B 39 37.46 -6.05 2.93
CA VAL B 39 38.04 -6.87 4.00
C VAL B 39 37.26 -6.58 5.26
N VAL B 40 36.73 -7.63 5.88
CA VAL B 40 36.01 -7.52 7.12
C VAL B 40 36.87 -8.09 8.24
N ASP B 41 36.56 -7.66 9.48
CA ASP B 41 37.06 -8.30 10.69
C ASP B 41 38.56 -8.07 10.89
N VAL B 42 39.03 -6.88 10.53
CA VAL B 42 40.41 -6.50 10.82
C VAL B 42 40.44 -5.89 12.22
N SER B 43 41.60 -5.97 12.87
CA SER B 43 41.69 -5.65 14.27
C SER B 43 41.53 -4.15 14.53
N HIS B 44 41.03 -3.83 15.72
CA HIS B 44 41.14 -2.47 16.24
C HIS B 44 42.58 -2.09 16.51
N GLU B 45 43.48 -3.08 16.56
CA GLU B 45 44.87 -2.88 16.95
C GLU B 45 45.87 -3.07 15.80
N ASP B 46 45.40 -3.36 14.56
CA ASP B 46 46.24 -3.40 13.37
C ASP B 46 45.49 -2.80 12.20
N PRO B 47 45.00 -1.56 12.29
CA PRO B 47 43.99 -1.08 11.34
C PRO B 47 44.52 -0.65 9.98
N GLU B 48 45.82 -0.77 9.73
CA GLU B 48 46.38 -0.40 8.44
C GLU B 48 46.48 -1.64 7.56
N VAL B 49 45.99 -1.53 6.33
CA VAL B 49 45.87 -2.65 5.41
C VAL B 49 46.22 -2.17 4.01
N LYS B 50 46.91 -3.02 3.26
CA LYS B 50 47.48 -2.67 1.95
C LYS B 50 46.70 -3.38 0.84
N PHE B 51 46.34 -2.62 -0.20
CA PHE B 51 45.60 -3.15 -1.33
C PHE B 51 46.50 -3.18 -2.56
N ASN B 52 46.66 -4.37 -3.13
CA ASN B 52 47.34 -4.54 -4.41
C ASN B 52 46.35 -5.13 -5.40
N TRP B 53 46.28 -4.55 -6.60
CA TRP B 53 45.35 -4.95 -7.65
C TRP B 53 46.15 -5.36 -8.88
N TYR B 54 45.89 -6.56 -9.38
CA TYR B 54 46.49 -7.06 -10.60
C TYR B 54 45.42 -7.18 -11.69
N VAL B 55 45.74 -6.71 -12.89
CA VAL B 55 44.89 -6.89 -14.06
C VAL B 55 45.58 -7.90 -14.97
N ASP B 56 45.15 -9.16 -14.87
CA ASP B 56 45.69 -10.29 -15.64
C ASP B 56 47.12 -10.62 -15.28
N GLY B 57 47.69 -9.96 -14.27
CA GLY B 57 49.07 -10.24 -13.92
C GLY B 57 49.88 -8.98 -13.77
N VAL B 58 49.51 -7.94 -14.51
CA VAL B 58 50.14 -6.63 -14.38
C VAL B 58 49.31 -5.81 -13.40
N GLU B 59 49.97 -5.27 -12.38
CA GLU B 59 49.27 -4.50 -11.36
C GLU B 59 49.06 -3.07 -11.83
N VAL B 60 47.87 -2.55 -11.57
CA VAL B 60 47.54 -1.18 -11.99
C VAL B 60 47.33 -0.35 -10.73
N HIS B 61 47.09 0.96 -10.89
CA HIS B 61 46.90 1.89 -9.77
C HIS B 61 45.73 2.82 -10.12
N ASN B 62 44.53 2.26 -10.19
CA ASN B 62 43.31 3.07 -10.10
C ASN B 62 42.49 2.65 -8.88
N ALA B 63 43.13 2.06 -7.88
CA ALA B 63 42.42 1.61 -6.69
C ALA B 63 42.14 2.81 -5.79
N LYS B 64 40.88 3.15 -5.63
CA LYS B 64 40.47 4.23 -4.72
C LYS B 64 40.06 3.57 -3.40
N THR B 65 41.06 3.20 -2.61
CA THR B 65 40.79 2.57 -1.33
C THR B 65 40.12 3.56 -0.37
N LYS B 66 38.94 3.19 0.11
CA LYS B 66 38.07 4.09 0.87
C LYS B 66 38.60 4.28 2.29
N PRO B 67 38.02 5.20 3.07
CA PRO B 67 38.36 5.24 4.49
C PRO B 67 37.74 4.07 5.22
N ARG B 68 38.38 3.71 6.34
CA ARG B 68 37.90 2.59 7.15
C ARG B 68 36.54 2.92 7.75
N GLU B 69 36.03 1.99 8.57
CA GLU B 69 34.70 2.16 9.17
C GLU B 69 34.58 1.23 10.36
N GLU B 70 34.60 1.81 11.58
CA GLU B 70 34.47 1.01 12.81
C GLU B 70 33.09 0.37 12.85
N GLN B 71 33.03 -0.96 12.84
CA GLN B 71 31.79 -1.69 12.92
C GLN B 71 31.47 -2.09 14.36
N TYR B 72 30.18 -2.24 14.66
CA TYR B 72 29.80 -2.54 16.04
C TYR B 72 30.36 -3.88 16.52
N ASN B 73 30.82 -4.74 15.61
CA ASN B 73 31.61 -5.89 16.05
C ASN B 73 32.83 -5.49 16.88
N SER B 74 33.11 -4.19 17.03
CA SER B 74 34.41 -3.69 17.53
C SER B 74 35.54 -4.04 16.56
N THR B 75 35.21 -4.12 15.26
CA THR B 75 36.16 -4.37 14.19
C THR B 75 35.97 -3.31 13.11
N TYR B 76 36.93 -3.28 12.19
CA TYR B 76 36.88 -2.39 11.04
C TYR B 76 36.43 -3.16 9.79
N ARG B 77 35.94 -2.39 8.82
CA ARG B 77 35.63 -2.88 7.48
C ARG B 77 36.27 -1.92 6.50
N VAL B 78 37.15 -2.41 5.64
CA VAL B 78 37.92 -1.55 4.75
C VAL B 78 37.69 -2.00 3.31
N VAL B 79 37.41 -1.03 2.44
CA VAL B 79 36.95 -1.26 1.07
C VAL B 79 37.87 -0.54 0.11
N SER B 80 38.30 -1.24 -0.94
CA SER B 80 39.02 -0.63 -2.06
C SER B 80 38.30 -0.95 -3.36
N VAL B 81 38.20 0.03 -4.24
CA VAL B 81 37.43 -0.09 -5.48
C VAL B 81 38.35 0.22 -6.65
N LEU B 82 38.46 -0.73 -7.57
CA LEU B 82 39.24 -0.59 -8.79
C LEU B 82 38.30 -0.32 -9.96
N THR B 83 38.63 0.69 -10.75
CA THR B 83 37.77 1.13 -11.84
C THR B 83 38.14 0.39 -13.12
N VAL B 84 37.19 -0.39 -13.66
CA VAL B 84 37.47 -1.27 -14.80
C VAL B 84 36.68 -0.83 -16.05
N LEU B 85 36.91 -1.53 -17.16
CA LEU B 85 36.50 -1.06 -18.47
C LEU B 85 35.43 -1.96 -19.09
N HIS B 86 34.58 -1.34 -19.92
CA HIS B 86 33.50 -2.05 -20.59
C HIS B 86 34.02 -3.20 -21.44
N GLN B 87 35.24 -3.07 -21.97
CA GLN B 87 35.76 -4.10 -22.86
C GLN B 87 36.54 -5.18 -22.12
N ASP B 88 37.23 -4.82 -21.05
CA ASP B 88 38.17 -5.75 -20.43
C ASP B 88 37.44 -6.80 -19.61
N TRP B 89 36.54 -6.35 -18.73
CA TRP B 89 35.73 -7.30 -17.97
C TRP B 89 34.94 -8.18 -18.92
N LEU B 90 34.45 -7.61 -20.03
CA LEU B 90 33.63 -8.38 -20.96
C LEU B 90 34.47 -9.36 -21.76
N ASN B 91 35.76 -9.10 -21.92
CA ASN B 91 36.65 -10.04 -22.59
C ASN B 91 37.24 -11.08 -21.65
N GLY B 92 36.54 -11.42 -20.56
CA GLY B 92 36.96 -12.50 -19.69
C GLY B 92 38.27 -12.27 -18.95
N LYS B 93 38.64 -11.02 -18.73
CA LYS B 93 39.85 -10.73 -17.97
C LYS B 93 39.70 -11.13 -16.50
N GLU B 94 40.82 -11.27 -15.82
CA GLU B 94 40.86 -11.69 -14.42
C GLU B 94 41.49 -10.60 -13.57
N TYR B 95 40.79 -10.19 -12.51
CA TYR B 95 41.23 -9.12 -11.62
C TYR B 95 41.58 -9.71 -10.25
N LYS B 96 42.81 -9.47 -9.80
CA LYS B 96 43.31 -10.00 -8.54
C LYS B 96 43.35 -8.90 -7.49
N CYS B 97 43.06 -9.27 -6.24
CA CYS B 97 43.16 -8.36 -5.10
C CYS B 97 43.99 -9.04 -4.02
N LYS B 98 45.22 -8.57 -3.82
CA LYS B 98 46.11 -9.11 -2.79
C LYS B 98 46.04 -8.21 -1.56
N VAL B 99 45.56 -8.77 -0.45
CA VAL B 99 45.27 -8.02 0.76
C VAL B 99 46.33 -8.38 1.79
N SER B 100 46.90 -7.38 2.44
CA SER B 100 48.03 -7.59 3.35
C SER B 100 47.83 -6.80 4.64
N ASN B 101 47.69 -7.53 5.75
CA ASN B 101 47.65 -6.97 7.10
C ASN B 101 48.68 -7.71 7.95
N LYS B 102 49.10 -7.07 9.04
CA LYS B 102 50.06 -7.72 9.93
C LYS B 102 49.44 -8.95 10.59
N ALA B 103 48.14 -8.90 10.88
CA ALA B 103 47.43 -10.00 11.51
C ALA B 103 47.24 -11.20 10.59
N LEU B 104 47.57 -11.07 9.31
CA LEU B 104 47.26 -12.10 8.32
C LEU B 104 48.36 -13.14 8.29
N PRO B 105 48.05 -14.43 8.48
CA PRO B 105 49.07 -15.47 8.25
C PRO B 105 49.50 -15.55 6.80
N ALA B 106 48.62 -15.15 5.87
CA ALA B 106 48.89 -15.16 4.45
C ALA B 106 48.32 -13.90 3.82
N PRO B 107 49.13 -13.10 3.11
CA PRO B 107 48.56 -11.97 2.36
C PRO B 107 47.56 -12.45 1.34
N ILE B 108 46.27 -12.33 1.67
CA ILE B 108 45.21 -13.03 0.94
C ILE B 108 45.06 -12.46 -0.47
N GLU B 109 45.03 -13.34 -1.46
CA GLU B 109 44.82 -12.98 -2.86
C GLU B 109 43.49 -13.56 -3.35
N LYS B 110 42.67 -12.70 -3.96
CA LYS B 110 41.37 -13.09 -4.48
C LYS B 110 41.25 -12.64 -5.93
N THR B 111 40.55 -13.45 -6.72
CA THR B 111 40.52 -13.28 -8.18
C THR B 111 39.11 -13.45 -8.71
N ILE B 112 38.56 -12.38 -9.27
CA ILE B 112 37.22 -12.38 -9.85
C ILE B 112 37.34 -12.23 -11.37
N SER B 113 36.41 -12.85 -12.10
CA SER B 113 36.40 -12.71 -13.55
C SER B 113 34.98 -12.95 -14.05
N LYS B 114 34.72 -12.45 -15.25
CA LYS B 114 33.47 -12.78 -15.92
C LYS B 114 33.37 -14.29 -16.10
N ALA B 115 32.15 -14.82 -15.99
CA ALA B 115 31.95 -16.26 -16.10
C ALA B 115 32.29 -16.72 -17.51
N LYS B 116 33.15 -17.73 -17.62
CA LYS B 116 33.65 -18.17 -18.92
C LYS B 116 32.63 -19.07 -19.61
N GLY B 117 32.37 -18.82 -20.88
CA GLY B 117 31.43 -19.63 -21.62
C GLY B 117 30.90 -18.92 -22.85
N GLN B 118 29.99 -19.62 -23.54
CA GLN B 118 29.42 -19.11 -24.79
C GLN B 118 28.23 -18.21 -24.49
N PRO B 119 28.28 -16.93 -24.87
CA PRO B 119 27.13 -16.04 -24.60
C PRO B 119 25.89 -16.49 -25.35
N ARG B 120 24.80 -16.66 -24.60
CA ARG B 120 23.49 -17.00 -25.15
C ARG B 120 22.53 -15.84 -24.92
N GLU B 121 21.85 -15.41 -25.99
CA GLU B 121 20.99 -14.23 -25.97
C GLU B 121 19.65 -14.54 -25.33
N PRO B 122 19.16 -13.70 -24.42
CA PRO B 122 17.93 -14.04 -23.68
C PRO B 122 16.66 -13.68 -24.41
N GLN B 123 15.70 -14.59 -24.39
CA GLN B 123 14.39 -14.37 -24.98
C GLN B 123 13.44 -13.81 -23.94
N VAL B 124 12.70 -12.77 -24.31
CA VAL B 124 12.03 -11.88 -23.34
C VAL B 124 10.53 -11.96 -23.60
N TYR B 125 9.81 -12.69 -22.75
CA TYR B 125 8.35 -12.81 -22.85
C TYR B 125 7.69 -11.86 -21.85
N THR B 126 6.66 -11.15 -22.31
CA THR B 126 5.82 -10.36 -21.43
C THR B 126 4.49 -11.07 -21.24
N LEU B 127 4.03 -11.11 -19.99
CA LEU B 127 2.90 -11.95 -19.60
C LEU B 127 1.88 -11.10 -18.85
N PRO B 128 0.68 -10.93 -19.39
CA PRO B 128 -0.25 -9.94 -18.85
C PRO B 128 -0.86 -10.38 -17.53
N PRO B 129 -1.51 -9.48 -16.81
CA PRO B 129 -2.15 -9.86 -15.54
C PRO B 129 -3.08 -11.05 -15.72
N SER B 130 -3.07 -11.96 -14.76
CA SER B 130 -4.02 -13.07 -14.80
C SER B 130 -5.44 -12.55 -14.68
N ARG B 131 -6.41 -13.40 -15.03
CA ARG B 131 -7.79 -12.92 -15.09
C ARG B 131 -8.37 -12.67 -13.70
N ARG B 132 -7.96 -13.47 -12.70
CA ARG B 132 -8.49 -13.26 -11.35
C ARG B 132 -7.88 -12.05 -10.67
N GLU B 133 -6.75 -11.56 -11.17
CA GLU B 133 -6.17 -10.34 -10.63
C GLU B 133 -6.91 -9.09 -11.11
N TRP B 134 -7.71 -9.21 -12.18
CA TRP B 134 -8.54 -8.10 -12.64
C TRP B 134 -9.48 -7.62 -11.55
N ARG B 135 -10.00 -8.54 -10.73
CA ARG B 135 -10.81 -8.16 -9.58
C ARG B 135 -10.01 -7.49 -8.49
N LYS B 136 -8.68 -7.44 -8.59
CA LYS B 136 -7.88 -6.84 -7.54
C LYS B 136 -7.63 -5.36 -7.85
N GLU B 137 -7.14 -4.64 -6.83
CA GLU B 137 -6.95 -3.20 -6.93
C GLU B 137 -5.71 -2.85 -7.75
N GLU B 138 -4.61 -3.56 -7.53
CA GLU B 138 -3.39 -3.39 -8.31
C GLU B 138 -3.13 -4.67 -9.10
N VAL B 139 -3.01 -4.54 -10.43
CA VAL B 139 -2.63 -5.68 -11.26
C VAL B 139 -1.12 -5.70 -11.42
N SER B 140 -0.60 -6.87 -11.79
CA SER B 140 0.84 -7.09 -11.94
C SER B 140 1.15 -7.60 -13.33
N LEU B 141 2.16 -6.99 -13.95
CA LEU B 141 2.65 -7.39 -15.26
C LEU B 141 3.92 -8.19 -15.07
N THR B 142 4.04 -9.32 -15.78
CA THR B 142 5.13 -10.26 -15.54
C THR B 142 6.06 -10.32 -16.74
N CYS B 143 7.31 -9.94 -16.53
CA CYS B 143 8.37 -10.21 -17.49
C CYS B 143 9.05 -11.52 -17.12
N LEU B 144 9.43 -12.29 -18.15
CA LEU B 144 10.16 -13.54 -17.99
C LEU B 144 11.34 -13.50 -18.96
N VAL B 145 12.51 -13.16 -18.45
CA VAL B 145 13.74 -13.27 -19.22
C VAL B 145 14.21 -14.71 -19.12
N LYS B 146 14.33 -15.37 -20.27
CA LYS B 146 14.68 -16.79 -20.31
C LYS B 146 15.81 -17.03 -21.30
N GLY B 147 16.65 -18.01 -20.95
CA GLY B 147 17.58 -18.61 -21.89
C GLY B 147 18.89 -17.87 -22.11
N PHE B 148 19.46 -17.29 -21.07
CA PHE B 148 20.67 -16.48 -21.19
C PHE B 148 21.85 -17.13 -20.46
N TYR B 149 23.05 -16.67 -20.79
CA TYR B 149 24.27 -17.08 -20.11
C TYR B 149 25.25 -15.99 -20.53
N PRO B 150 26.02 -15.42 -19.58
CA PRO B 150 26.06 -15.71 -18.15
C PRO B 150 24.84 -15.21 -17.40
N SER B 151 24.84 -15.37 -16.09
CA SER B 151 23.72 -14.92 -15.28
C SER B 151 23.65 -13.40 -15.18
N ASP B 152 24.71 -12.69 -15.58
CA ASP B 152 24.77 -11.24 -15.45
C ASP B 152 23.72 -10.60 -16.35
N ILE B 153 22.85 -9.79 -15.76
CA ILE B 153 21.64 -9.34 -16.44
C ILE B 153 21.01 -8.21 -15.63
N ALA B 154 20.25 -7.35 -16.30
CA ALA B 154 19.58 -6.23 -15.65
C ALA B 154 18.22 -6.00 -16.31
N VAL B 155 17.18 -5.86 -15.50
CA VAL B 155 15.79 -5.70 -15.96
C VAL B 155 15.17 -4.47 -15.30
N GLU B 156 14.79 -3.48 -16.10
CA GLU B 156 14.05 -2.31 -15.64
C GLU B 156 12.73 -2.20 -16.39
N TRP B 157 11.79 -1.48 -15.78
CA TRP B 157 10.49 -1.23 -16.39
C TRP B 157 10.33 0.25 -16.70
N GLU B 158 9.56 0.53 -17.74
CA GLU B 158 9.31 1.90 -18.19
C GLU B 158 7.84 2.06 -18.55
N SER B 159 7.41 3.33 -18.53
CA SER B 159 6.03 3.70 -18.85
C SER B 159 6.07 4.98 -19.68
N ASN B 160 5.75 4.87 -20.96
CA ASN B 160 5.69 6.01 -21.88
C ASN B 160 7.02 6.76 -21.95
N GLY B 161 8.11 6.12 -21.47
CA GLY B 161 9.45 6.69 -21.50
C GLY B 161 10.03 7.04 -20.14
N GLN B 162 9.22 7.03 -19.08
CA GLN B 162 9.37 7.25 -17.66
C GLN B 162 9.48 5.92 -16.93
N PRO B 163 10.40 5.74 -15.97
CA PRO B 163 10.41 4.50 -15.19
C PRO B 163 9.14 4.30 -14.41
N GLU B 164 8.96 3.06 -14.01
CA GLU B 164 8.03 2.74 -12.96
C GLU B 164 8.79 2.64 -11.64
N ASN B 165 8.04 2.45 -10.55
CA ASN B 165 8.62 2.37 -9.23
C ASN B 165 8.50 0.96 -8.65
N ASN B 166 7.27 0.50 -8.41
CA ASN B 166 7.02 -0.82 -7.86
C ASN B 166 7.42 -1.94 -8.82
N TYR B 167 8.66 -2.39 -8.74
CA TYR B 167 9.05 -3.62 -9.43
C TYR B 167 10.29 -4.19 -8.74
N LYS B 168 10.20 -5.44 -8.31
CA LYS B 168 11.36 -6.24 -7.96
C LYS B 168 11.49 -7.38 -8.96
N THR B 169 12.67 -7.99 -8.98
CA THR B 169 13.04 -8.96 -10.01
C THR B 169 13.62 -10.21 -9.37
N THR B 170 13.16 -11.37 -9.84
CA THR B 170 13.62 -12.65 -9.31
C THR B 170 15.06 -12.89 -9.72
N PRO B 171 15.94 -13.28 -8.79
CA PRO B 171 17.35 -13.57 -9.15
C PRO B 171 17.44 -14.69 -10.17
N PRO B 172 18.54 -14.77 -10.91
CA PRO B 172 18.66 -15.78 -11.97
C PRO B 172 18.59 -17.20 -11.41
N VAL B 173 17.86 -18.07 -12.11
CA VAL B 173 17.62 -19.44 -11.69
C VAL B 173 18.19 -20.39 -12.74
N LEU B 174 18.94 -21.39 -12.29
CA LEU B 174 19.54 -22.35 -13.21
C LEU B 174 18.47 -23.07 -14.02
N ASP B 175 18.76 -23.31 -15.30
CA ASP B 175 17.90 -24.08 -16.18
C ASP B 175 18.58 -25.40 -16.56
N SER B 176 17.77 -26.41 -16.91
CA SER B 176 18.35 -27.72 -17.20
C SER B 176 19.32 -27.74 -18.39
N ASP B 177 19.56 -26.62 -19.09
CA ASP B 177 20.41 -26.54 -20.30
C ASP B 177 21.53 -25.52 -20.11
N GLY B 178 22.03 -25.42 -18.88
CA GLY B 178 23.17 -24.58 -18.53
C GLY B 178 22.90 -23.11 -18.73
N SER B 179 21.63 -22.77 -18.84
CA SER B 179 21.15 -21.40 -19.00
C SER B 179 20.36 -21.02 -17.75
N PHE B 180 19.94 -19.77 -17.68
CA PHE B 180 19.15 -19.26 -16.58
C PHE B 180 17.81 -18.76 -17.09
N PHE B 181 16.91 -18.49 -16.15
CA PHE B 181 15.79 -17.61 -16.41
C PHE B 181 15.67 -16.63 -15.25
N LEU B 182 14.87 -15.58 -15.45
CA LEU B 182 14.47 -14.72 -14.36
C LEU B 182 13.05 -14.24 -14.60
N TYR B 183 12.46 -13.71 -13.53
CA TYR B 183 11.13 -13.12 -13.57
C TYR B 183 11.21 -11.71 -13.01
N SER B 184 10.30 -10.84 -13.46
CA SER B 184 10.19 -9.50 -12.89
C SER B 184 8.73 -9.07 -12.94
N LYS B 185 8.17 -8.75 -11.78
CA LYS B 185 6.81 -8.21 -11.71
C LYS B 185 6.85 -6.71 -11.51
N LEU B 186 5.97 -6.02 -12.23
CA LEU B 186 5.69 -4.61 -12.02
C LEU B 186 4.26 -4.49 -11.56
N THR B 187 4.03 -3.72 -10.50
CA THR B 187 2.70 -3.55 -9.92
C THR B 187 2.15 -2.18 -10.27
N VAL B 188 1.05 -2.17 -11.03
CA VAL B 188 0.37 -0.94 -11.44
C VAL B 188 -1.05 -1.00 -10.88
N GLU B 189 -1.69 0.17 -10.82
CA GLU B 189 -3.10 0.22 -10.42
C GLU B 189 -3.97 -0.40 -11.49
N ALA B 190 -5.07 -1.02 -11.05
CA ALA B 190 -6.05 -1.52 -11.99
C ALA B 190 -6.46 -0.43 -12.96
N SER B 191 -6.67 0.79 -12.45
CA SER B 191 -6.96 1.92 -13.31
C SER B 191 -5.93 2.03 -14.45
N ARG B 192 -4.64 2.00 -14.10
CA ARG B 192 -3.59 2.24 -15.08
C ARG B 192 -3.60 1.22 -16.22
N TRP B 193 -3.97 -0.03 -15.92
CA TRP B 193 -3.96 -1.07 -16.94
C TRP B 193 -5.13 -0.90 -17.91
N TRP B 194 -6.30 -0.53 -17.39
CA TRP B 194 -7.50 -0.44 -18.20
C TRP B 194 -7.60 0.87 -18.99
N GLN B 195 -6.95 1.94 -18.51
CA GLN B 195 -6.74 3.09 -19.39
C GLN B 195 -5.87 2.75 -20.59
N GLY B 196 -5.22 1.59 -20.59
CA GLY B 196 -4.54 1.10 -21.77
C GLY B 196 -3.14 1.62 -21.97
N ASN B 197 -2.45 2.02 -20.90
CA ASN B 197 -1.07 2.49 -21.03
C ASN B 197 -0.19 1.38 -21.59
N VAL B 198 0.98 1.78 -22.10
CA VAL B 198 2.00 0.85 -22.55
C VAL B 198 3.07 0.78 -21.47
N PHE B 199 3.41 -0.43 -21.06
CA PHE B 199 4.49 -0.67 -20.12
C PHE B 199 5.57 -1.47 -20.84
N SER B 200 6.84 -1.20 -20.54
CA SER B 200 7.93 -1.74 -21.33
C SER B 200 8.99 -2.37 -20.43
N CYS B 201 9.20 -3.67 -20.59
CA CYS B 201 10.23 -4.40 -19.86
C CYS B 201 11.56 -4.24 -20.60
N SER B 202 12.47 -3.45 -20.02
CA SER B 202 13.80 -3.27 -20.57
C SER B 202 14.73 -4.34 -19.98
N VAL B 203 15.27 -5.18 -20.84
CA VAL B 203 16.27 -6.16 -20.42
C VAL B 203 17.64 -5.67 -20.87
N MET B 204 18.69 -6.15 -20.21
CA MET B 204 20.05 -5.83 -20.61
C MET B 204 20.93 -7.04 -20.31
N HIS B 205 21.45 -7.69 -21.36
CA HIS B 205 22.42 -8.77 -21.20
C HIS B 205 23.48 -8.62 -22.30
N GLU B 206 24.70 -9.05 -21.97
CA GLU B 206 25.85 -8.82 -22.83
C GLU B 206 25.57 -9.21 -24.28
N ALA B 207 24.85 -10.31 -24.49
CA ALA B 207 24.64 -10.83 -25.84
C ALA B 207 23.33 -10.29 -26.41
N LEU B 208 23.34 -8.99 -26.69
CA LEU B 208 22.20 -8.33 -27.30
C LEU B 208 22.72 -7.21 -28.20
N HIS B 209 21.89 -6.78 -29.15
CA HIS B 209 22.25 -5.65 -30.00
C HIS B 209 22.38 -4.38 -29.14
N ASN B 210 23.62 -3.90 -28.98
CA ASN B 210 23.94 -2.84 -28.02
C ASN B 210 23.60 -3.27 -26.58
N HIS B 211 23.67 -4.56 -26.32
CA HIS B 211 23.43 -5.16 -25.00
C HIS B 211 22.02 -4.91 -24.46
N TYR B 212 21.08 -4.46 -25.31
CA TYR B 212 19.81 -3.89 -24.83
C TYR B 212 18.64 -4.39 -25.67
N THR B 213 17.47 -4.44 -25.04
CA THR B 213 16.25 -4.82 -25.73
C THR B 213 15.07 -4.50 -24.84
N GLN B 214 13.89 -4.49 -25.46
CA GLN B 214 12.71 -3.91 -24.84
C GLN B 214 11.45 -4.51 -25.43
N TRP B 215 10.42 -4.64 -24.60
CA TRP B 215 9.19 -5.30 -24.99
C TRP B 215 8.02 -4.71 -24.20
N SER B 216 6.93 -4.45 -24.89
CA SER B 216 5.82 -3.71 -24.33
C SER B 216 4.65 -4.63 -24.04
N LEU B 217 3.83 -4.22 -23.06
CA LEU B 217 2.65 -4.96 -22.63
C LEU B 217 1.52 -3.97 -22.45
N SER B 218 0.40 -4.19 -23.15
CA SER B 218 -0.72 -3.27 -23.06
C SER B 218 -2.03 -4.06 -23.15
N ARG B 219 -3.13 -3.34 -23.35
CA ARG B 219 -4.49 -3.90 -23.43
C ARG B 219 -4.99 -4.40 -22.09
N PRO C 14 -37.23 5.30 -16.44
CA PRO C 14 -35.98 5.97 -16.11
C PRO C 14 -36.10 6.85 -14.86
N SER C 15 -35.01 7.50 -14.48
CA SER C 15 -34.98 8.36 -13.31
C SER C 15 -34.32 9.69 -13.64
N VAL C 16 -34.79 10.75 -13.00
CA VAL C 16 -34.43 12.12 -13.33
C VAL C 16 -33.72 12.75 -12.14
N PHE C 17 -32.63 13.49 -12.43
CA PHE C 17 -31.90 14.24 -11.43
C PHE C 17 -31.59 15.64 -11.94
N LEU C 18 -31.86 16.65 -11.12
CA LEU C 18 -31.63 18.04 -11.45
C LEU C 18 -30.47 18.58 -10.62
N PHE C 19 -29.60 19.36 -11.25
CA PHE C 19 -28.37 19.84 -10.63
C PHE C 19 -28.27 21.36 -10.74
N PRO C 20 -27.79 22.03 -9.69
CA PRO C 20 -27.70 23.49 -9.70
C PRO C 20 -26.51 23.96 -10.51
N PRO C 21 -26.45 25.26 -10.82
CA PRO C 21 -25.22 25.82 -11.40
C PRO C 21 -24.09 25.65 -10.42
N LYS C 22 -22.88 25.45 -10.94
CA LYS C 22 -21.73 25.47 -10.07
C LYS C 22 -21.59 26.87 -9.46
N PRO C 23 -20.99 26.98 -8.27
CA PRO C 23 -21.10 28.23 -7.51
C PRO C 23 -20.18 29.34 -7.99
N LYS C 24 -19.17 29.04 -8.81
CA LYS C 24 -18.38 30.11 -9.43
C LYS C 24 -19.01 30.63 -10.72
N ASP C 25 -20.02 29.92 -11.26
CA ASP C 25 -20.71 30.38 -12.46
C ASP C 25 -21.72 31.48 -12.14
N THR C 26 -22.29 31.45 -10.95
CA THR C 26 -23.37 32.37 -10.60
C THR C 26 -22.86 33.75 -10.21
N LEU C 27 -21.56 33.91 -9.90
CA LEU C 27 -21.03 35.18 -9.42
C LEU C 27 -19.99 35.82 -10.33
N MET C 28 -19.31 35.08 -11.19
CA MET C 28 -18.37 35.66 -12.13
C MET C 28 -19.09 36.18 -13.38
N ILE C 29 -18.44 37.10 -14.09
CA ILE C 29 -19.07 37.70 -15.26
C ILE C 29 -18.69 36.99 -16.57
N SER C 30 -17.66 36.14 -16.55
CA SER C 30 -17.19 35.45 -17.74
C SER C 30 -17.76 34.04 -17.86
N ARG C 31 -18.57 33.59 -16.92
CA ARG C 31 -19.19 32.28 -16.97
C ARG C 31 -20.69 32.41 -17.22
N THR C 32 -21.30 31.30 -17.59
CA THR C 32 -22.75 31.16 -17.78
C THR C 32 -23.25 30.07 -16.85
N PRO C 33 -24.12 30.39 -15.88
CA PRO C 33 -24.62 29.35 -14.97
C PRO C 33 -25.56 28.40 -15.70
N GLU C 34 -25.59 27.14 -15.24
CA GLU C 34 -26.19 26.06 -16.01
C GLU C 34 -26.84 25.04 -15.09
N VAL C 35 -28.16 24.99 -15.09
CA VAL C 35 -28.90 23.88 -14.50
C VAL C 35 -28.93 22.73 -15.51
N THR C 36 -28.38 21.58 -15.12
CA THR C 36 -28.33 20.41 -15.98
C THR C 36 -29.28 19.34 -15.46
N CYS C 37 -30.06 18.75 -16.36
CA CYS C 37 -31.05 17.73 -16.03
C CYS C 37 -30.68 16.41 -16.71
N VAL C 38 -30.26 15.42 -15.93
CA VAL C 38 -29.82 14.14 -16.46
C VAL C 38 -30.94 13.13 -16.30
N VAL C 39 -31.13 12.30 -17.33
CA VAL C 39 -31.96 11.10 -17.26
C VAL C 39 -31.02 9.92 -17.45
N VAL C 40 -31.29 8.82 -16.74
CA VAL C 40 -30.28 7.79 -16.49
C VAL C 40 -30.69 6.41 -17.01
N ASP C 41 -31.95 6.02 -16.87
CA ASP C 41 -32.34 4.63 -17.10
C ASP C 41 -33.27 4.47 -18.30
N VAL C 42 -33.10 5.29 -19.32
CA VAL C 42 -33.95 5.17 -20.49
C VAL C 42 -33.54 3.94 -21.27
N SER C 43 -34.51 3.10 -21.61
CA SER C 43 -34.22 1.79 -22.16
C SER C 43 -33.78 1.89 -23.62
N HIS C 44 -33.32 0.76 -24.17
CA HIS C 44 -33.16 0.61 -25.60
C HIS C 44 -34.50 0.47 -26.31
N GLU C 45 -35.60 0.40 -25.57
CA GLU C 45 -36.93 0.26 -26.16
C GLU C 45 -37.50 1.60 -26.60
N ASP C 46 -37.69 2.51 -25.65
CA ASP C 46 -38.16 3.87 -25.93
C ASP C 46 -37.14 4.86 -25.41
N PRO C 47 -36.00 5.03 -26.13
CA PRO C 47 -34.97 5.94 -25.62
C PRO C 47 -35.15 7.38 -26.07
N GLU C 48 -36.36 7.75 -26.50
CA GLU C 48 -36.59 9.16 -26.82
C GLU C 48 -36.90 9.93 -25.55
N VAL C 49 -36.48 11.19 -25.51
CA VAL C 49 -36.61 12.06 -24.36
C VAL C 49 -37.10 13.42 -24.82
N LYS C 50 -37.88 14.08 -23.97
CA LYS C 50 -38.40 15.41 -24.25
C LYS C 50 -38.23 16.27 -23.01
N PHE C 51 -37.49 17.37 -23.14
CA PHE C 51 -37.16 18.24 -22.02
C PHE C 51 -37.93 19.54 -22.15
N ASN C 52 -38.87 19.75 -21.23
CA ASN C 52 -39.65 20.97 -21.14
C ASN C 52 -39.25 21.69 -19.86
N TRP C 53 -38.70 22.89 -20.00
CA TRP C 53 -38.21 23.66 -18.88
C TRP C 53 -39.23 24.75 -18.52
N TYR C 54 -39.67 24.73 -17.26
CA TYR C 54 -40.53 25.76 -16.69
C TYR C 54 -39.68 26.63 -15.77
N VAL C 55 -39.63 27.94 -16.02
CA VAL C 55 -39.10 28.87 -15.04
C VAL C 55 -40.28 29.62 -14.41
N ASP C 56 -40.59 29.27 -13.16
CA ASP C 56 -41.66 29.92 -12.38
C ASP C 56 -42.97 29.93 -13.16
N GLY C 57 -43.36 28.76 -13.67
CA GLY C 57 -44.50 28.60 -14.56
C GLY C 57 -44.27 29.02 -15.99
N VAL C 58 -43.33 29.93 -16.24
CA VAL C 58 -43.01 30.34 -17.60
C VAL C 58 -42.30 29.18 -18.32
N GLU C 59 -42.59 29.02 -19.60
CA GLU C 59 -41.95 28.01 -20.43
C GLU C 59 -40.74 28.62 -21.13
N VAL C 60 -39.62 27.91 -21.11
CA VAL C 60 -38.33 28.45 -21.54
C VAL C 60 -37.69 27.45 -22.49
N HIS C 61 -37.94 27.63 -23.78
CA HIS C 61 -36.97 27.25 -24.81
C HIS C 61 -36.10 28.42 -25.18
N ASN C 62 -36.45 29.63 -24.70
CA ASN C 62 -35.71 30.86 -24.91
C ASN C 62 -34.24 30.70 -24.55
N ALA C 63 -33.94 30.57 -23.25
CA ALA C 63 -32.63 30.08 -22.85
C ALA C 63 -32.45 28.69 -23.48
N LYS C 64 -31.49 28.60 -24.39
CA LYS C 64 -31.30 27.41 -25.21
C LYS C 64 -30.97 26.19 -24.35
N THR C 65 -31.94 25.31 -24.19
CA THR C 65 -31.61 24.00 -23.67
C THR C 65 -30.91 23.18 -24.75
N LYS C 66 -30.12 22.19 -24.32
CA LYS C 66 -29.32 21.48 -25.31
C LYS C 66 -29.00 20.03 -24.93
N PRO C 67 -29.90 19.07 -25.16
CA PRO C 67 -29.49 17.66 -24.99
C PRO C 67 -28.54 17.24 -26.10
N ARG C 68 -27.48 16.51 -25.73
CA ARG C 68 -26.42 16.16 -26.69
C ARG C 68 -25.61 14.93 -26.31
N GLU C 69 -26.25 13.86 -25.82
CA GLU C 69 -25.50 12.81 -25.15
C GLU C 69 -26.09 11.42 -25.44
N GLU C 70 -25.33 10.39 -25.07
CA GLU C 70 -25.63 9.00 -25.42
C GLU C 70 -25.37 8.09 -24.22
N GLN C 71 -25.37 6.78 -24.47
CA GLN C 71 -25.71 5.74 -23.50
C GLN C 71 -24.50 4.93 -23.02
N TYR C 72 -24.77 4.11 -22.00
CA TYR C 72 -23.86 3.16 -21.38
C TYR C 72 -24.66 2.28 -20.43
N ASN C 73 -24.19 1.04 -20.25
CA ASN C 73 -24.73 0.05 -19.30
C ASN C 73 -26.07 -0.51 -19.77
N SER C 74 -26.19 -0.72 -21.08
CA SER C 74 -27.43 -1.19 -21.71
C SER C 74 -28.60 -0.27 -21.43
N THR C 75 -28.33 1.04 -21.29
CA THR C 75 -29.35 2.02 -20.94
C THR C 75 -29.27 3.26 -21.83
N TYR C 76 -29.26 4.43 -21.20
CA TYR C 76 -29.19 5.72 -21.89
C TYR C 76 -29.09 6.83 -20.85
N ARG C 77 -28.06 7.68 -20.95
CA ARG C 77 -27.93 8.82 -20.05
C ARG C 77 -28.01 10.11 -20.88
N VAL C 78 -29.20 10.72 -20.90
CA VAL C 78 -29.43 11.97 -21.62
C VAL C 78 -29.48 13.10 -20.59
N VAL C 79 -28.67 14.13 -20.80
CA VAL C 79 -28.65 15.29 -19.92
C VAL C 79 -29.10 16.49 -20.73
N SER C 80 -29.72 17.46 -20.05
CA SER C 80 -30.18 18.70 -20.66
C SER C 80 -29.64 19.86 -19.85
N VAL C 81 -29.00 20.81 -20.52
CA VAL C 81 -28.39 21.97 -19.90
C VAL C 81 -29.25 23.19 -20.21
N LEU C 82 -29.57 23.96 -19.18
CA LEU C 82 -30.39 25.17 -19.33
C LEU C 82 -29.60 26.38 -18.83
N THR C 83 -29.19 27.24 -19.76
CA THR C 83 -28.50 28.48 -19.39
C THR C 83 -29.46 29.38 -18.62
N VAL C 84 -28.95 30.03 -17.58
CA VAL C 84 -29.75 30.94 -16.77
C VAL C 84 -29.02 32.28 -16.67
N LEU C 85 -29.72 33.25 -16.12
CA LEU C 85 -29.15 34.56 -15.86
C LEU C 85 -28.67 34.64 -14.40
N HIS C 86 -27.49 35.23 -14.22
CA HIS C 86 -26.87 35.33 -12.90
C HIS C 86 -27.86 35.86 -11.86
N GLN C 87 -28.65 36.87 -12.24
CA GLN C 87 -29.57 37.48 -11.29
C GLN C 87 -30.70 36.54 -10.93
N ASP C 88 -31.34 35.92 -11.93
CA ASP C 88 -32.55 35.16 -11.70
C ASP C 88 -32.31 33.99 -10.75
N TRP C 89 -31.16 33.33 -10.88
CA TRP C 89 -30.82 32.27 -9.93
C TRP C 89 -30.64 32.82 -8.52
N LEU C 90 -30.12 34.04 -8.41
CA LEU C 90 -29.91 34.62 -7.09
C LEU C 90 -31.18 35.20 -6.50
N ASN C 91 -32.18 35.51 -7.33
CA ASN C 91 -33.40 36.17 -6.90
C ASN C 91 -34.53 35.19 -6.60
N GLY C 92 -34.20 33.92 -6.39
CA GLY C 92 -35.15 32.93 -5.92
C GLY C 92 -35.99 32.26 -6.98
N LYS C 93 -35.81 32.63 -8.25
CA LYS C 93 -36.58 32.02 -9.33
C LYS C 93 -36.48 30.50 -9.26
N GLU C 94 -37.55 29.82 -9.66
CA GLU C 94 -37.62 28.37 -9.62
C GLU C 94 -37.54 27.80 -11.04
N TYR C 95 -36.92 26.63 -11.15
CA TYR C 95 -36.68 26.00 -12.46
C TYR C 95 -37.19 24.57 -12.43
N LYS C 96 -38.18 24.27 -13.26
CA LYS C 96 -38.73 22.93 -13.40
C LYS C 96 -38.20 22.25 -14.66
N CYS C 97 -38.30 20.92 -14.67
CA CYS C 97 -37.90 20.13 -15.83
C CYS C 97 -38.92 19.01 -16.04
N LYS C 98 -39.62 19.04 -17.17
CA LYS C 98 -40.55 17.98 -17.53
C LYS C 98 -39.90 17.07 -18.56
N VAL C 99 -39.94 15.76 -18.30
CA VAL C 99 -39.35 14.77 -19.19
C VAL C 99 -40.47 13.85 -19.69
N SER C 100 -40.60 13.74 -21.01
CA SER C 100 -41.71 13.03 -21.65
C SER C 100 -41.14 11.83 -22.40
N ASN C 101 -40.98 10.72 -21.69
CA ASN C 101 -40.57 9.45 -22.26
C ASN C 101 -41.74 8.47 -22.20
N LYS C 102 -41.74 7.49 -23.09
CA LYS C 102 -42.89 6.61 -23.24
C LYS C 102 -42.87 5.46 -22.23
N ALA C 103 -41.69 5.02 -21.78
CA ALA C 103 -41.64 3.98 -20.75
C ALA C 103 -42.31 4.47 -19.48
N LEU C 104 -41.97 5.68 -19.04
CA LEU C 104 -42.58 6.24 -17.85
C LEU C 104 -44.07 6.49 -18.07
N PRO C 105 -44.90 6.29 -17.03
CA PRO C 105 -46.34 6.55 -17.16
C PRO C 105 -46.68 8.01 -17.45
N ALA C 106 -46.62 8.87 -16.42
CA ALA C 106 -46.97 10.28 -16.50
C ALA C 106 -45.75 11.16 -16.23
N PRO C 107 -45.64 12.32 -16.89
CA PRO C 107 -44.34 13.03 -16.96
C PRO C 107 -43.75 13.34 -15.59
N ILE C 108 -42.41 13.30 -15.53
CA ILE C 108 -41.68 13.59 -14.31
C ILE C 108 -41.30 15.07 -14.28
N GLU C 109 -41.71 15.76 -13.22
CA GLU C 109 -41.37 17.16 -12.99
C GLU C 109 -40.51 17.25 -11.73
N LYS C 110 -39.31 17.79 -11.87
CA LYS C 110 -38.42 18.01 -10.74
C LYS C 110 -38.00 19.48 -10.71
N THR C 111 -37.80 20.00 -9.51
CA THR C 111 -37.64 21.43 -9.27
C THR C 111 -36.29 21.71 -8.62
N ILE C 112 -35.87 22.97 -8.71
CA ILE C 112 -34.64 23.42 -8.05
C ILE C 112 -34.72 24.94 -7.90
N SER C 113 -34.17 25.44 -6.80
CA SER C 113 -34.19 26.86 -6.48
C SER C 113 -32.97 27.19 -5.64
N LYS C 114 -32.65 28.49 -5.56
CA LYS C 114 -31.45 29.03 -4.91
C LYS C 114 -31.05 28.26 -3.65
N ALA C 115 -31.68 28.57 -2.53
CA ALA C 115 -31.40 27.87 -1.28
C ALA C 115 -32.38 28.25 -0.19
N LYS C 116 -33.41 29.03 -0.53
CA LYS C 116 -34.38 29.56 0.44
C LYS C 116 -33.57 30.35 1.47
N GLY C 117 -33.67 30.05 2.77
CA GLY C 117 -32.67 30.44 3.76
C GLY C 117 -32.47 31.91 4.08
N GLN C 118 -31.77 32.18 5.17
CA GLN C 118 -31.36 33.52 5.56
C GLN C 118 -29.87 33.70 5.27
N PRO C 119 -29.50 34.46 4.24
CA PRO C 119 -28.08 34.62 3.90
C PRO C 119 -27.23 35.10 5.07
N ARG C 120 -25.98 34.62 5.09
CA ARG C 120 -25.03 34.87 6.17
C ARG C 120 -23.67 35.18 5.57
N GLU C 121 -23.08 36.31 5.96
CA GLU C 121 -21.80 36.72 5.39
C GLU C 121 -20.66 35.92 6.01
N PRO C 122 -19.83 35.24 5.21
CA PRO C 122 -18.69 34.50 5.76
C PRO C 122 -17.56 35.44 6.19
N GLN C 123 -17.07 35.23 7.42
CA GLN C 123 -15.81 35.83 7.84
C GLN C 123 -14.66 35.00 7.29
N VAL C 124 -13.67 35.66 6.69
CA VAL C 124 -12.53 34.99 6.04
C VAL C 124 -11.24 35.41 6.74
N TYR C 125 -10.54 34.44 7.32
CA TYR C 125 -9.27 34.70 8.01
C TYR C 125 -8.19 33.79 7.45
N THR C 126 -7.02 34.36 7.17
CA THR C 126 -5.86 33.58 6.75
C THR C 126 -5.01 33.22 7.97
N LEU C 127 -4.43 32.03 7.97
CA LEU C 127 -3.71 31.52 9.13
C LEU C 127 -2.30 31.07 8.79
N PRO C 128 -1.27 31.79 9.22
CA PRO C 128 0.09 31.41 8.88
C PRO C 128 0.41 30.03 9.41
N PRO C 129 1.31 29.30 8.75
CA PRO C 129 1.55 27.90 9.13
C PRO C 129 2.15 27.80 10.53
N SER C 130 1.94 26.64 11.14
CA SER C 130 2.49 26.37 12.46
C SER C 130 4.01 26.47 12.45
N ARG C 131 4.57 26.92 13.57
CA ARG C 131 6.02 27.03 13.71
C ARG C 131 6.72 25.67 13.76
N ARG C 132 5.97 24.57 13.93
CA ARG C 132 6.54 23.24 13.86
C ARG C 132 6.84 22.80 12.43
N GLU C 133 6.35 23.50 11.42
CA GLU C 133 6.62 23.15 10.03
C GLU C 133 7.32 24.28 9.29
N TRP C 134 7.75 25.33 10.01
CA TRP C 134 8.42 26.45 9.35
C TRP C 134 9.70 26.00 8.65
N ARG C 135 10.60 25.35 9.40
CA ARG C 135 11.88 24.92 8.85
C ARG C 135 11.83 23.51 8.29
N LYS C 136 10.69 23.10 7.74
CA LYS C 136 10.60 21.86 6.98
C LYS C 136 10.85 22.18 5.52
N GLU C 137 10.37 21.33 4.61
CA GLU C 137 10.51 21.60 3.18
C GLU C 137 9.30 22.33 2.62
N GLU C 138 8.13 22.13 3.22
CA GLU C 138 6.87 22.58 2.64
C GLU C 138 5.95 23.04 3.75
N VAL C 139 5.71 24.34 3.84
CA VAL C 139 4.74 24.86 4.79
C VAL C 139 3.33 24.67 4.23
N SER C 140 2.35 24.74 5.12
CA SER C 140 0.94 24.63 4.74
C SER C 140 0.21 25.88 5.21
N LEU C 141 -0.09 26.78 4.26
CA LEU C 141 -0.95 27.91 4.55
C LEU C 141 -2.39 27.43 4.63
N THR C 142 -3.15 28.01 5.56
CA THR C 142 -4.51 27.59 5.76
C THR C 142 -5.41 28.83 5.90
N CYS C 143 -6.60 28.76 5.32
CA CYS C 143 -7.55 29.87 5.27
C CYS C 143 -8.92 29.34 5.68
N LEU C 144 -9.49 29.92 6.71
CA LEU C 144 -10.77 29.47 7.23
C LEU C 144 -11.86 30.47 6.92
N VAL C 145 -12.95 29.99 6.36
CA VAL C 145 -14.14 30.78 6.14
C VAL C 145 -15.22 30.22 7.06
N LYS C 146 -15.73 31.06 7.96
CA LYS C 146 -16.72 30.65 8.94
C LYS C 146 -17.94 31.57 8.88
N GLY C 147 -19.10 31.01 9.18
CA GLY C 147 -20.29 31.81 9.37
C GLY C 147 -21.06 32.19 8.11
N PHE C 148 -21.09 31.32 7.10
CA PHE C 148 -21.82 31.61 5.87
C PHE C 148 -23.02 30.70 5.69
N TYR C 149 -23.89 31.13 4.78
CA TYR C 149 -25.15 30.50 4.42
C TYR C 149 -25.76 31.25 3.24
N PRO C 150 -26.18 30.58 2.15
CA PRO C 150 -26.19 29.12 1.90
C PRO C 150 -24.83 28.46 1.83
N SER C 151 -24.84 27.13 1.84
CA SER C 151 -23.73 26.18 1.95
C SER C 151 -22.80 26.20 0.78
N ASP C 152 -22.99 27.16 -0.11
CA ASP C 152 -22.40 27.15 -1.44
C ASP C 152 -21.46 28.34 -1.56
N ILE C 153 -20.16 28.06 -1.69
CA ILE C 153 -19.11 29.06 -1.69
C ILE C 153 -18.07 28.65 -2.73
N ALA C 154 -17.10 29.54 -2.97
CA ALA C 154 -16.00 29.26 -3.90
C ALA C 154 -14.70 29.73 -3.27
N VAL C 155 -13.88 28.80 -2.78
CA VAL C 155 -12.60 29.12 -2.17
C VAL C 155 -11.48 28.72 -3.11
N GLU C 156 -10.66 29.69 -3.48
CA GLU C 156 -9.49 29.47 -4.31
C GLU C 156 -8.31 30.23 -3.71
N TRP C 157 -7.12 29.86 -4.15
CA TRP C 157 -5.89 30.55 -3.78
C TRP C 157 -5.25 31.19 -5.01
N GLU C 158 -4.51 32.26 -4.78
CA GLU C 158 -3.69 32.86 -5.81
C GLU C 158 -2.48 33.49 -5.16
N SER C 159 -1.48 33.81 -5.98
CA SER C 159 -0.27 34.46 -5.48
C SER C 159 0.36 35.23 -6.62
N ASN C 160 0.53 36.54 -6.43
CA ASN C 160 1.18 37.42 -7.40
C ASN C 160 0.38 37.48 -8.71
N GLY C 161 -0.93 37.58 -8.59
CA GLY C 161 -1.80 37.77 -9.73
C GLY C 161 -2.05 36.55 -10.59
N GLN C 162 -1.32 35.47 -10.35
CA GLN C 162 -1.52 34.20 -11.03
C GLN C 162 -2.13 33.18 -10.08
N PRO C 163 -2.77 32.13 -10.60
CA PRO C 163 -3.38 31.13 -9.72
C PRO C 163 -2.32 30.26 -9.04
N GLU C 164 -2.75 29.61 -7.95
CA GLU C 164 -2.02 28.54 -7.28
C GLU C 164 -2.85 27.27 -7.38
N ASN C 165 -2.19 26.13 -7.54
CA ASN C 165 -2.90 24.92 -7.94
C ASN C 165 -2.76 23.75 -6.99
N ASN C 166 -1.97 23.87 -5.93
CA ASN C 166 -1.79 22.79 -4.96
C ASN C 166 -2.46 23.18 -3.64
N TYR C 167 -3.80 23.16 -3.66
CA TYR C 167 -4.60 23.46 -2.48
C TYR C 167 -5.85 22.58 -2.49
N LYS C 168 -6.31 22.23 -1.29
CA LYS C 168 -7.44 21.34 -1.13
C LYS C 168 -8.38 21.91 -0.07
N THR C 169 -9.62 22.17 -0.47
CA THR C 169 -10.65 22.70 0.40
C THR C 169 -11.49 21.57 0.97
N THR C 170 -11.77 21.61 2.28
CA THR C 170 -12.64 20.60 2.87
C THR C 170 -14.08 20.85 2.41
N PRO C 171 -14.98 19.91 2.69
CA PRO C 171 -16.41 20.19 2.49
C PRO C 171 -16.89 21.30 3.40
N PRO C 172 -17.99 21.98 3.06
CA PRO C 172 -18.68 22.79 4.07
C PRO C 172 -19.17 21.90 5.20
N VAL C 173 -19.15 22.46 6.42
CA VAL C 173 -19.53 21.76 7.62
C VAL C 173 -20.55 22.61 8.38
N LEU C 174 -21.67 22.01 8.74
CA LEU C 174 -22.62 22.66 9.63
C LEU C 174 -21.97 23.03 10.96
N ASP C 175 -22.24 24.25 11.40
CA ASP C 175 -21.93 24.70 12.74
C ASP C 175 -23.20 24.61 13.59
N SER C 176 -23.05 24.90 14.88
CA SER C 176 -24.21 25.10 15.74
C SER C 176 -24.83 26.48 15.57
N ASP C 177 -24.14 27.38 14.86
CA ASP C 177 -24.60 28.73 14.59
C ASP C 177 -25.53 28.82 13.39
N GLY C 178 -26.15 27.71 12.99
CA GLY C 178 -26.97 27.71 11.78
C GLY C 178 -26.25 28.29 10.59
N SER C 179 -24.98 27.92 10.41
CA SER C 179 -24.15 28.41 9.32
C SER C 179 -23.05 27.38 9.11
N PHE C 180 -22.21 27.65 8.11
CA PHE C 180 -21.20 26.69 7.70
C PHE C 180 -19.80 27.27 7.85
N PHE C 181 -18.82 26.38 7.86
CA PHE C 181 -17.42 26.76 7.79
C PHE C 181 -16.70 25.80 6.85
N LEU C 182 -15.40 26.02 6.69
CA LEU C 182 -14.51 25.11 5.97
C LEU C 182 -13.08 25.59 6.15
N TYR C 183 -12.15 24.78 5.66
CA TYR C 183 -10.74 25.14 5.63
C TYR C 183 -10.17 24.80 4.27
N SER C 184 -9.44 25.74 3.66
CA SER C 184 -8.64 25.44 2.48
C SER C 184 -7.17 25.50 2.88
N LYS C 185 -6.41 24.50 2.44
CA LYS C 185 -4.99 24.38 2.79
C LYS C 185 -4.15 24.37 1.52
N LEU C 186 -3.35 25.41 1.33
CA LEU C 186 -2.45 25.51 0.19
C LEU C 186 -1.06 25.08 0.65
N THR C 187 -0.55 24.00 0.07
CA THR C 187 0.78 23.51 0.39
C THR C 187 1.79 24.11 -0.57
N VAL C 188 2.71 24.91 -0.04
CA VAL C 188 3.72 25.61 -0.83
C VAL C 188 5.08 25.35 -0.20
N GLU C 189 6.12 25.29 -1.05
CA GLU C 189 7.47 25.00 -0.58
C GLU C 189 7.98 26.09 0.37
N ALA C 190 8.78 25.68 1.35
CA ALA C 190 9.35 26.61 2.31
C ALA C 190 10.18 27.69 1.62
N SER C 191 10.68 27.39 0.41
CA SER C 191 11.45 28.35 -0.35
C SER C 191 10.64 29.62 -0.58
N ARG C 192 9.43 29.47 -1.14
CA ARG C 192 8.63 30.63 -1.54
C ARG C 192 8.05 31.36 -0.33
N TRP C 193 7.71 30.62 0.73
CA TRP C 193 7.22 31.28 1.94
C TRP C 193 8.22 32.30 2.46
N TRP C 194 9.48 31.89 2.54
CA TRP C 194 10.52 32.74 3.10
C TRP C 194 11.11 33.71 2.10
N GLN C 195 10.82 33.55 0.80
CA GLN C 195 11.20 34.54 -0.20
C GLN C 195 10.46 35.86 -0.03
N GLY C 196 9.52 35.95 0.91
CA GLY C 196 8.64 37.08 1.02
C GLY C 196 7.43 37.04 0.12
N ASN C 197 7.33 36.04 -0.75
CA ASN C 197 6.19 35.91 -1.65
C ASN C 197 4.89 35.82 -0.84
N VAL C 198 3.83 36.43 -1.37
CA VAL C 198 2.55 36.50 -0.69
C VAL C 198 1.52 35.70 -1.48
N PHE C 199 0.72 34.92 -0.77
CA PHE C 199 -0.35 34.12 -1.35
C PHE C 199 -1.66 34.59 -0.76
N SER C 200 -2.72 34.52 -1.55
CA SER C 200 -3.99 35.12 -1.20
C SER C 200 -5.11 34.09 -1.24
N CYS C 201 -6.03 34.20 -0.27
CA CYS C 201 -7.23 33.37 -0.20
C CYS C 201 -8.37 34.17 -0.80
N SER C 202 -9.02 33.62 -1.81
CA SER C 202 -10.08 34.32 -2.54
C SER C 202 -11.39 33.57 -2.35
N VAL C 203 -12.39 34.25 -1.79
CA VAL C 203 -13.69 33.66 -1.51
C VAL C 203 -14.75 34.39 -2.34
N MET C 204 -15.49 33.64 -3.13
CA MET C 204 -16.70 34.11 -3.79
C MET C 204 -17.88 33.52 -3.05
N HIS C 205 -18.76 34.37 -2.52
CA HIS C 205 -19.99 33.89 -1.92
C HIS C 205 -21.14 34.79 -2.39
N GLU C 206 -22.35 34.29 -2.20
CA GLU C 206 -23.53 35.11 -2.44
C GLU C 206 -23.49 36.36 -1.58
N ALA C 207 -23.43 36.18 -0.26
CA ALA C 207 -23.74 37.22 0.71
C ALA C 207 -22.62 38.22 0.94
N LEU C 208 -21.49 38.13 0.24
CA LEU C 208 -20.47 39.15 0.42
C LEU C 208 -20.87 40.41 -0.33
N HIS C 209 -20.45 41.56 0.20
CA HIS C 209 -20.47 42.79 -0.58
C HIS C 209 -19.47 42.66 -1.72
N ASN C 210 -19.94 42.89 -2.95
CA ASN C 210 -19.27 42.65 -4.23
C ASN C 210 -19.16 41.17 -4.59
N HIS C 211 -19.75 40.25 -3.80
CA HIS C 211 -19.68 38.80 -3.98
C HIS C 211 -18.29 38.21 -3.79
N TYR C 212 -17.38 38.96 -3.17
CA TYR C 212 -15.94 38.71 -3.33
C TYR C 212 -15.16 39.29 -2.15
N THR C 213 -14.11 38.58 -1.74
CA THR C 213 -13.11 39.09 -0.81
C THR C 213 -11.79 38.35 -1.02
N GLN C 214 -10.69 39.06 -0.75
CA GLN C 214 -9.35 38.51 -0.88
C GLN C 214 -8.54 38.89 0.34
N TRP C 215 -7.96 37.90 0.99
CA TRP C 215 -7.19 38.11 2.22
C TRP C 215 -5.81 37.47 2.05
N SER C 216 -4.78 38.22 2.44
CA SER C 216 -3.42 37.93 2.05
C SER C 216 -2.63 37.37 3.22
N LEU C 217 -1.71 36.46 2.91
CA LEU C 217 -0.82 35.81 3.86
C LEU C 217 0.62 36.03 3.41
N SER C 218 1.32 36.98 4.03
CA SER C 218 2.63 37.41 3.57
C SER C 218 3.70 37.21 4.64
N ARG C 219 4.94 37.55 4.30
CA ARG C 219 6.11 37.51 5.17
C ARG C 219 6.16 36.26 6.06
N GLY D 12 -38.13 -7.00 -1.95
CA GLY D 12 -39.25 -6.10 -2.18
C GLY D 12 -38.93 -4.64 -1.91
N GLY D 13 -37.68 -4.36 -1.54
CA GLY D 13 -37.29 -3.02 -1.16
C GLY D 13 -36.35 -2.86 0.02
N PRO D 14 -36.25 -3.83 0.94
CA PRO D 14 -35.29 -3.71 2.04
C PRO D 14 -33.89 -3.26 1.59
N SER D 15 -33.33 -2.32 2.35
CA SER D 15 -32.00 -1.76 2.11
C SER D 15 -31.15 -1.96 3.35
N VAL D 16 -29.90 -2.40 3.16
CA VAL D 16 -29.03 -2.84 4.25
C VAL D 16 -27.70 -2.09 4.17
N PHE D 17 -27.14 -1.78 5.35
CA PHE D 17 -25.92 -1.01 5.49
C PHE D 17 -25.05 -1.66 6.55
N LEU D 18 -23.76 -1.34 6.53
CA LEU D 18 -22.82 -1.94 7.47
C LEU D 18 -21.83 -0.87 7.91
N PHE D 19 -21.96 -0.41 9.16
CA PHE D 19 -21.12 0.68 9.65
C PHE D 19 -20.01 0.15 10.56
N PRO D 20 -18.80 0.67 10.38
CA PRO D 20 -17.63 0.12 11.10
C PRO D 20 -17.60 0.62 12.54
N PRO D 21 -16.84 -0.03 13.42
CA PRO D 21 -16.73 0.47 14.79
C PRO D 21 -16.03 1.82 14.78
N LYS D 22 -16.31 2.62 15.80
CA LYS D 22 -15.75 3.94 15.84
C LYS D 22 -14.26 3.87 16.17
N PRO D 23 -13.49 4.87 15.75
CA PRO D 23 -12.04 4.84 16.02
C PRO D 23 -11.73 4.75 17.50
N LYS D 24 -12.27 5.66 18.31
CA LYS D 24 -12.01 5.58 19.74
C LYS D 24 -12.59 4.30 20.34
N ASP D 25 -13.61 3.71 19.70
CA ASP D 25 -14.04 2.38 20.09
C ASP D 25 -12.90 1.39 19.94
N THR D 26 -12.23 1.43 18.78
CA THR D 26 -10.98 0.72 18.58
C THR D 26 -9.89 1.49 19.33
N LEU D 27 -8.63 1.15 19.07
CA LEU D 27 -7.46 1.85 19.61
C LEU D 27 -7.39 1.85 21.13
N MET D 28 -8.52 1.92 21.82
CA MET D 28 -8.58 1.94 23.27
C MET D 28 -9.15 0.62 23.78
N ILE D 29 -8.38 -0.08 24.63
CA ILE D 29 -8.82 -1.36 25.17
C ILE D 29 -9.86 -1.22 26.27
N SER D 30 -10.06 -0.01 26.80
CA SER D 30 -11.13 0.22 27.77
C SER D 30 -12.51 0.25 27.10
N ARG D 31 -12.57 0.75 25.86
CA ARG D 31 -13.79 0.72 25.07
C ARG D 31 -13.86 -0.58 24.27
N THR D 32 -15.08 -0.94 23.86
CA THR D 32 -15.31 -2.16 23.09
C THR D 32 -15.92 -1.83 21.73
N PRO D 33 -15.27 -2.18 20.62
CA PRO D 33 -15.76 -1.76 19.31
C PRO D 33 -16.74 -2.77 18.73
N GLU D 34 -17.75 -2.25 18.04
CA GLU D 34 -18.80 -3.09 17.48
C GLU D 34 -19.08 -2.67 16.04
N VAL D 35 -19.27 -3.67 15.18
CA VAL D 35 -19.77 -3.46 13.82
C VAL D 35 -21.29 -3.58 13.86
N THR D 36 -21.97 -2.65 13.20
CA THR D 36 -23.41 -2.51 13.36
C THR D 36 -24.07 -2.55 11.99
N CYS D 37 -24.86 -3.58 11.75
CA CYS D 37 -25.63 -3.74 10.53
C CYS D 37 -27.08 -3.33 10.79
N VAL D 38 -27.59 -2.40 9.99
CA VAL D 38 -28.91 -1.81 10.16
C VAL D 38 -29.71 -2.07 8.88
N VAL D 39 -30.96 -2.52 9.05
CA VAL D 39 -31.84 -2.87 7.95
C VAL D 39 -33.05 -1.94 7.96
N VAL D 40 -33.26 -1.22 6.87
CA VAL D 40 -34.34 -0.24 6.78
C VAL D 40 -35.29 -0.62 5.66
N ASP D 41 -36.51 -0.11 5.76
CA ASP D 41 -37.61 -0.42 4.85
C ASP D 41 -37.98 -1.89 4.89
N VAL D 42 -38.42 -2.38 6.05
CA VAL D 42 -38.94 -3.74 6.22
C VAL D 42 -40.45 -3.66 6.39
N SER D 43 -41.16 -4.65 5.85
CA SER D 43 -42.62 -4.59 5.74
C SER D 43 -43.31 -4.73 7.11
N HIS D 44 -44.56 -4.26 7.18
CA HIS D 44 -45.40 -4.49 8.36
C HIS D 44 -45.88 -5.92 8.42
N GLU D 45 -46.27 -6.48 7.28
CA GLU D 45 -46.76 -7.86 7.22
C GLU D 45 -45.63 -8.87 7.29
N ASP D 46 -44.43 -8.50 6.84
CA ASP D 46 -43.26 -9.38 6.83
C ASP D 46 -42.14 -8.75 7.66
N PRO D 47 -42.22 -8.86 8.99
CA PRO D 47 -41.30 -8.12 9.87
C PRO D 47 -40.11 -8.91 10.39
N GLU D 48 -39.88 -10.15 9.93
CA GLU D 48 -38.83 -10.99 10.46
C GLU D 48 -37.56 -10.84 9.63
N VAL D 49 -36.49 -10.37 10.27
CA VAL D 49 -35.18 -10.24 9.65
C VAL D 49 -34.23 -11.18 10.39
N LYS D 50 -33.44 -11.94 9.64
CA LYS D 50 -32.51 -12.90 10.23
C LYS D 50 -31.09 -12.53 9.87
N PHE D 51 -30.21 -12.52 10.88
CA PHE D 51 -28.84 -12.02 10.77
C PHE D 51 -27.84 -13.15 10.94
N ASN D 52 -27.34 -13.67 9.83
CA ASN D 52 -26.16 -14.51 9.86
C ASN D 52 -24.93 -13.62 9.92
N TRP D 53 -24.11 -13.79 10.96
CA TRP D 53 -22.89 -13.01 11.12
C TRP D 53 -21.69 -13.91 10.81
N TYR D 54 -20.76 -13.37 10.03
CA TYR D 54 -19.55 -14.09 9.65
C TYR D 54 -18.34 -13.19 9.83
N VAL D 55 -17.22 -13.77 10.25
CA VAL D 55 -15.96 -13.04 10.43
C VAL D 55 -14.89 -13.78 9.63
N ASP D 56 -14.53 -13.22 8.48
CA ASP D 56 -13.53 -13.83 7.58
C ASP D 56 -13.92 -15.25 7.19
N GLY D 57 -15.20 -15.44 6.86
CA GLY D 57 -15.69 -16.71 6.36
C GLY D 57 -16.05 -17.73 7.42
N VAL D 58 -15.84 -17.46 8.69
CA VAL D 58 -16.25 -18.36 9.75
C VAL D 58 -17.50 -17.80 10.40
N GLU D 59 -18.43 -18.68 10.76
CA GLU D 59 -19.66 -18.22 11.38
C GLU D 59 -19.40 -17.77 12.82
N VAL D 60 -20.02 -16.65 13.19
CA VAL D 60 -19.86 -16.09 14.53
C VAL D 60 -21.24 -15.89 15.14
N HIS D 61 -21.35 -16.25 16.42
CA HIS D 61 -22.58 -16.13 17.20
C HIS D 61 -22.43 -15.14 18.34
N ASN D 62 -21.28 -14.47 18.41
CA ASN D 62 -21.05 -13.28 19.21
C ASN D 62 -22.19 -12.29 19.03
N ALA D 63 -22.82 -12.36 17.84
CA ALA D 63 -23.94 -11.51 17.43
C ALA D 63 -24.83 -11.10 18.59
N LYS D 64 -24.91 -9.80 18.83
CA LYS D 64 -25.64 -9.31 19.98
C LYS D 64 -27.10 -9.05 19.59
N THR D 65 -27.65 -7.94 20.03
CA THR D 65 -29.10 -7.77 20.09
C THR D 65 -29.70 -7.66 18.69
N LYS D 66 -30.98 -8.03 18.60
CA LYS D 66 -31.78 -7.83 17.40
C LYS D 66 -33.08 -7.15 17.85
N PRO D 67 -33.00 -5.90 18.32
CA PRO D 67 -34.21 -5.23 18.81
C PRO D 67 -34.90 -4.44 17.73
N ARG D 68 -36.18 -4.71 17.50
CA ARG D 68 -36.87 -4.01 16.43
C ARG D 68 -37.24 -2.60 16.85
N GLU D 69 -37.42 -1.73 15.85
CA GLU D 69 -37.83 -0.35 16.06
C GLU D 69 -38.91 -0.01 15.06
N GLU D 70 -39.62 1.09 15.33
CA GLU D 70 -40.70 1.53 14.46
C GLU D 70 -40.42 2.94 13.96
N GLN D 71 -40.71 3.18 12.68
CA GLN D 71 -40.53 4.48 12.05
C GLN D 71 -41.87 5.01 11.54
N TYR D 72 -41.84 6.25 11.04
CA TYR D 72 -43.03 7.03 10.73
C TYR D 72 -43.72 6.64 9.43
N ASN D 73 -43.44 5.46 8.90
CA ASN D 73 -44.16 4.97 7.73
C ASN D 73 -44.55 3.52 7.95
N SER D 74 -45.00 2.84 6.92
CA SER D 74 -45.20 1.39 7.00
C SER D 74 -43.89 0.61 6.95
N THR D 75 -42.86 1.12 7.63
CA THR D 75 -41.50 0.59 7.56
C THR D 75 -41.00 0.20 8.95
N TYR D 76 -40.16 -0.83 8.99
CA TYR D 76 -39.47 -1.27 10.20
C TYR D 76 -37.98 -0.98 10.08
N ARG D 77 -37.33 -0.80 11.22
CA ARG D 77 -35.87 -0.63 11.27
C ARG D 77 -35.31 -1.62 12.28
N VAL D 78 -34.54 -2.59 11.79
CA VAL D 78 -33.94 -3.62 12.62
C VAL D 78 -32.43 -3.53 12.48
N VAL D 79 -31.74 -3.37 13.61
CA VAL D 79 -30.29 -3.23 13.64
C VAL D 79 -29.70 -4.42 14.38
N SER D 80 -28.46 -4.78 14.01
CA SER D 80 -27.71 -5.82 14.68
C SER D 80 -26.35 -5.27 15.06
N VAL D 81 -25.82 -5.75 16.18
CA VAL D 81 -24.53 -5.31 16.70
C VAL D 81 -23.65 -6.53 16.91
N LEU D 82 -22.45 -6.49 16.34
CA LEU D 82 -21.47 -7.57 16.48
C LEU D 82 -20.22 -7.00 17.11
N THR D 83 -19.70 -7.68 18.13
CA THR D 83 -18.54 -7.22 18.88
C THR D 83 -17.26 -7.73 18.23
N VAL D 84 -16.40 -6.81 17.80
CA VAL D 84 -15.11 -7.16 17.23
C VAL D 84 -14.04 -7.03 18.31
N LEU D 85 -12.90 -7.66 18.07
CA LEU D 85 -11.70 -7.49 18.89
C LEU D 85 -10.80 -6.45 18.25
N HIS D 86 -10.37 -5.46 19.03
CA HIS D 86 -9.57 -4.35 18.51
C HIS D 86 -8.47 -4.84 17.58
N GLN D 87 -7.75 -5.88 18.00
CA GLN D 87 -6.74 -6.49 17.15
C GLN D 87 -7.36 -7.01 15.85
N ASP D 88 -8.54 -7.62 15.94
CA ASP D 88 -9.14 -8.25 14.75
C ASP D 88 -9.54 -7.22 13.71
N TRP D 89 -10.15 -6.12 14.15
CA TRP D 89 -10.43 -5.04 13.20
C TRP D 89 -9.13 -4.47 12.65
N LEU D 90 -8.18 -4.17 13.55
CA LEU D 90 -6.91 -3.53 13.18
C LEU D 90 -6.01 -4.51 12.46
N ASN D 91 -6.51 -5.71 12.22
CA ASN D 91 -5.87 -6.65 11.32
C ASN D 91 -6.66 -6.85 10.03
N GLY D 92 -7.64 -5.98 9.76
CA GLY D 92 -8.37 -6.01 8.52
C GLY D 92 -9.09 -7.32 8.20
N LYS D 93 -9.98 -7.75 9.09
CA LYS D 93 -10.83 -8.90 8.81
C LYS D 93 -12.10 -8.44 8.14
N GLU D 94 -12.58 -9.21 7.16
CA GLU D 94 -13.82 -8.90 6.48
C GLU D 94 -15.00 -9.37 7.32
N TYR D 95 -15.89 -8.44 7.67
CA TYR D 95 -17.08 -8.73 8.47
C TYR D 95 -18.29 -8.75 7.56
N LYS D 96 -18.81 -9.95 7.31
CA LYS D 96 -19.93 -10.17 6.39
C LYS D 96 -21.19 -10.49 7.18
N CYS D 97 -22.29 -9.83 6.82
CA CYS D 97 -23.57 -10.05 7.46
C CYS D 97 -24.63 -10.38 6.41
N LYS D 98 -25.52 -11.32 6.75
CA LYS D 98 -26.53 -11.82 5.82
C LYS D 98 -27.91 -11.62 6.43
N VAL D 99 -28.77 -10.91 5.71
CA VAL D 99 -30.13 -10.60 6.16
C VAL D 99 -31.12 -11.42 5.32
N SER D 100 -32.17 -11.92 5.97
CA SER D 100 -33.13 -12.83 5.35
C SER D 100 -34.54 -12.37 5.68
N ASN D 101 -35.10 -11.52 4.81
CA ASN D 101 -36.51 -11.19 4.82
C ASN D 101 -37.22 -12.09 3.82
N LYS D 102 -38.51 -12.37 4.05
CA LYS D 102 -39.32 -13.02 3.03
C LYS D 102 -39.55 -12.13 1.81
N ALA D 103 -39.55 -10.80 1.98
CA ALA D 103 -39.55 -9.86 0.87
C ALA D 103 -38.33 -9.99 -0.03
N LEU D 104 -37.27 -10.67 0.41
CA LEU D 104 -36.03 -10.83 -0.35
C LEU D 104 -35.86 -12.28 -0.77
N PRO D 105 -35.77 -12.58 -2.08
CA PRO D 105 -35.64 -13.99 -2.51
C PRO D 105 -34.25 -14.54 -2.26
N ALA D 106 -33.24 -13.81 -2.70
CA ALA D 106 -31.85 -14.10 -2.37
C ALA D 106 -31.40 -13.16 -1.27
N PRO D 107 -30.91 -13.67 -0.14
CA PRO D 107 -30.45 -12.79 0.94
C PRO D 107 -29.51 -11.69 0.46
N ILE D 108 -29.55 -10.57 1.16
CA ILE D 108 -28.58 -9.50 0.96
C ILE D 108 -27.40 -9.74 1.89
N GLU D 109 -26.19 -9.60 1.35
CA GLU D 109 -24.98 -9.61 2.14
C GLU D 109 -24.29 -8.25 2.03
N LYS D 110 -23.47 -7.94 3.02
CA LYS D 110 -22.60 -6.79 3.00
C LYS D 110 -21.38 -7.12 3.82
N THR D 111 -20.23 -6.58 3.39
CA THR D 111 -18.96 -6.84 4.07
C THR D 111 -18.27 -5.51 4.34
N ILE D 112 -17.95 -5.24 5.61
CA ILE D 112 -17.10 -4.13 6.00
C ILE D 112 -15.80 -4.72 6.56
N SER D 113 -14.72 -3.96 6.38
CA SER D 113 -13.44 -4.30 6.97
C SER D 113 -12.66 -2.99 7.11
N LYS D 114 -11.46 -3.08 7.69
CA LYS D 114 -10.62 -1.91 7.76
C LYS D 114 -10.09 -1.58 6.35
N ALA D 115 -9.29 -0.54 6.24
CA ALA D 115 -8.70 -0.12 4.96
C ALA D 115 -7.30 -0.70 4.87
N LYS D 116 -7.05 -1.47 3.81
CA LYS D 116 -5.77 -2.15 3.68
C LYS D 116 -4.74 -1.17 3.10
N GLY D 117 -3.68 -0.93 3.86
CA GLY D 117 -2.61 -0.06 3.42
C GLY D 117 -1.62 0.10 4.55
N GLN D 118 -0.54 0.88 4.27
CA GLN D 118 0.43 1.08 5.34
C GLN D 118 0.09 2.34 6.13
N PRO D 119 -0.03 2.24 7.44
CA PRO D 119 -0.42 3.39 8.26
C PRO D 119 0.61 4.50 8.26
N ARG D 120 0.12 5.72 8.44
CA ARG D 120 0.97 6.89 8.60
C ARG D 120 0.61 7.60 9.90
N GLU D 121 1.63 8.13 10.57
CA GLU D 121 1.42 8.87 11.80
C GLU D 121 0.83 10.24 11.50
N PRO D 122 -0.17 10.69 12.25
CA PRO D 122 -0.68 12.06 12.05
C PRO D 122 0.31 13.12 12.52
N GLN D 123 0.31 14.25 11.81
CA GLN D 123 1.09 15.42 12.20
C GLN D 123 0.13 16.54 12.62
N VAL D 124 0.22 16.95 13.87
CA VAL D 124 -0.78 17.78 14.53
C VAL D 124 -0.21 19.17 14.73
N TYR D 125 -0.78 20.15 14.03
CA TYR D 125 -0.31 21.54 14.11
C TYR D 125 -1.40 22.41 14.73
N THR D 126 -1.09 23.02 15.88
CA THR D 126 -2.02 23.94 16.54
C THR D 126 -1.74 25.37 16.07
N LEU D 127 -2.80 26.11 15.71
CA LEU D 127 -2.64 27.44 15.11
C LEU D 127 -3.41 28.50 15.88
N PRO D 128 -2.77 29.61 16.30
CA PRO D 128 -3.51 30.66 17.01
C PRO D 128 -4.35 31.48 16.03
N PRO D 129 -5.49 32.02 16.49
CA PRO D 129 -6.40 32.70 15.56
C PRO D 129 -5.76 33.93 14.94
N SER D 130 -6.24 34.26 13.73
CA SER D 130 -5.71 35.37 12.97
C SER D 130 -5.84 36.68 13.76
N ARG D 131 -5.19 37.73 13.24
CA ARG D 131 -5.16 39.00 13.96
C ARG D 131 -6.49 39.74 13.88
N ARG D 132 -7.18 39.63 12.75
CA ARG D 132 -8.44 40.34 12.56
C ARG D 132 -9.61 39.71 13.31
N GLU D 133 -9.32 38.71 14.14
CA GLU D 133 -10.29 38.12 15.05
C GLU D 133 -10.11 38.62 16.47
N TRP D 134 -9.08 39.44 16.72
CA TRP D 134 -8.65 39.72 18.08
C TRP D 134 -9.64 40.59 18.83
N ARG D 135 -10.34 41.48 18.12
CA ARG D 135 -11.39 42.28 18.71
C ARG D 135 -12.74 41.61 18.60
N LYS D 136 -12.78 40.33 18.25
CA LYS D 136 -14.05 39.63 18.15
C LYS D 136 -14.48 39.10 19.52
N GLU D 137 -15.80 38.99 19.68
CA GLU D 137 -16.39 38.47 20.92
C GLU D 137 -15.88 37.07 21.23
N GLU D 138 -15.71 36.22 20.21
CA GLU D 138 -15.17 34.88 20.36
C GLU D 138 -13.90 34.75 19.54
N VAL D 139 -13.10 33.75 19.89
CA VAL D 139 -11.86 33.46 19.18
C VAL D 139 -11.87 31.98 18.81
N SER D 140 -11.37 31.67 17.62
CA SER D 140 -11.47 30.33 17.06
C SER D 140 -10.10 29.69 16.99
N LEU D 141 -9.87 28.66 17.80
CA LEU D 141 -8.65 27.86 17.76
C LEU D 141 -8.86 26.64 16.87
N THR D 142 -7.89 26.37 16.00
CA THR D 142 -8.02 25.35 14.98
C THR D 142 -6.88 24.37 15.07
N CYS D 143 -7.17 23.09 14.83
CA CYS D 143 -6.20 22.02 14.91
C CYS D 143 -6.05 21.35 13.55
N LEU D 144 -4.83 21.33 13.03
CA LEU D 144 -4.52 20.73 11.74
C LEU D 144 -3.83 19.40 11.95
N VAL D 145 -4.48 18.32 11.52
CA VAL D 145 -3.92 16.98 11.58
C VAL D 145 -3.64 16.54 10.15
N LYS D 146 -2.36 16.32 9.85
CA LYS D 146 -1.88 16.10 8.49
C LYS D 146 -1.37 14.67 8.31
N GLY D 147 -1.36 14.24 7.05
CA GLY D 147 -0.69 13.03 6.63
C GLY D 147 -0.87 11.80 7.50
N PHE D 148 -2.06 11.22 7.48
CA PHE D 148 -2.29 9.96 8.18
C PHE D 148 -3.05 9.00 7.28
N TYR D 149 -3.05 7.72 7.70
CA TYR D 149 -3.71 6.61 7.01
C TYR D 149 -3.94 5.43 7.96
N PRO D 150 -5.13 4.82 7.96
CA PRO D 150 -6.29 5.25 7.17
C PRO D 150 -6.99 6.44 7.83
N SER D 151 -8.23 6.70 7.43
CA SER D 151 -8.94 7.88 7.90
C SER D 151 -9.61 7.69 9.26
N ASP D 152 -9.20 6.68 10.04
CA ASP D 152 -9.79 6.41 11.35
C ASP D 152 -9.02 7.17 12.41
N ILE D 153 -9.50 8.36 12.75
CA ILE D 153 -8.84 9.25 13.70
C ILE D 153 -9.91 9.98 14.52
N ALA D 154 -9.59 10.25 15.78
CA ALA D 154 -10.44 11.02 16.68
C ALA D 154 -9.69 12.25 17.16
N VAL D 155 -10.41 13.37 17.29
CA VAL D 155 -9.81 14.65 17.62
C VAL D 155 -10.67 15.33 18.67
N GLU D 156 -10.09 15.64 19.83
CA GLU D 156 -10.81 16.22 20.95
C GLU D 156 -10.08 17.46 21.46
N TRP D 157 -10.76 18.21 22.30
CA TRP D 157 -10.19 19.42 22.89
C TRP D 157 -10.36 19.41 24.40
N GLU D 158 -9.44 20.09 25.07
CA GLU D 158 -9.52 20.23 26.53
C GLU D 158 -8.69 21.42 26.95
N SER D 159 -9.33 22.41 27.57
CA SER D 159 -8.63 23.49 28.26
C SER D 159 -8.50 23.14 29.72
N ASN D 160 -7.27 22.88 30.16
CA ASN D 160 -6.98 22.60 31.58
C ASN D 160 -7.82 21.43 32.09
N GLY D 161 -7.42 20.24 31.65
CA GLY D 161 -8.01 19.04 32.19
C GLY D 161 -9.44 18.75 31.78
N GLN D 162 -10.40 19.69 32.03
CA GLN D 162 -11.77 19.36 31.65
C GLN D 162 -11.99 19.62 30.16
N PRO D 163 -12.91 18.88 29.52
CA PRO D 163 -12.96 18.90 28.06
C PRO D 163 -13.77 20.05 27.47
N GLU D 164 -13.11 21.03 26.84
CA GLU D 164 -13.83 22.02 26.06
C GLU D 164 -14.78 21.32 25.08
N ASN D 165 -16.01 21.80 25.02
CA ASN D 165 -17.04 21.08 24.27
C ASN D 165 -17.61 21.87 23.11
N ASN D 166 -17.17 23.11 22.90
CA ASN D 166 -17.64 23.92 21.79
C ASN D 166 -16.67 23.78 20.61
N TYR D 167 -16.68 22.60 19.99
CA TYR D 167 -15.85 22.39 18.80
C TYR D 167 -16.54 21.50 17.78
N LYS D 168 -16.17 21.69 16.51
CA LYS D 168 -16.63 20.87 15.39
C LYS D 168 -15.43 20.44 14.57
N THR D 169 -15.56 19.31 13.87
CA THR D 169 -14.46 18.77 13.07
C THR D 169 -14.92 18.54 11.64
N THR D 170 -14.02 18.88 10.66
CA THR D 170 -14.28 18.57 9.26
C THR D 170 -14.04 17.09 9.00
N PRO D 171 -14.80 16.49 8.09
CA PRO D 171 -14.49 15.12 7.66
C PRO D 171 -13.12 15.06 7.01
N PRO D 172 -12.37 13.97 7.20
CA PRO D 172 -11.03 13.89 6.60
C PRO D 172 -11.12 13.80 5.08
N VAL D 173 -10.31 14.62 4.40
CA VAL D 173 -10.31 14.66 2.95
C VAL D 173 -8.91 14.35 2.45
N LEU D 174 -8.85 13.74 1.26
CA LEU D 174 -7.63 13.10 0.77
C LEU D 174 -6.69 14.10 0.11
N ASP D 175 -5.40 13.99 0.42
CA ASP D 175 -4.34 14.87 -0.05
C ASP D 175 -3.72 14.32 -1.33
N SER D 176 -2.67 15.01 -1.82
CA SER D 176 -1.99 14.55 -3.03
C SER D 176 -1.11 13.34 -2.77
N ASP D 177 -0.55 13.22 -1.55
CA ASP D 177 0.19 12.01 -1.17
C ASP D 177 -0.68 10.77 -1.19
N GLY D 178 -2.00 10.93 -1.06
CA GLY D 178 -2.80 9.80 -0.63
C GLY D 178 -2.89 9.71 0.88
N SER D 179 -2.29 10.65 1.59
CA SER D 179 -2.46 10.77 3.04
C SER D 179 -3.80 11.44 3.30
N PHE D 180 -4.08 11.77 4.55
CA PHE D 180 -5.31 12.48 4.88
C PHE D 180 -4.99 13.69 5.75
N PHE D 181 -5.91 14.65 5.71
CA PHE D 181 -5.83 15.81 6.59
C PHE D 181 -7.25 16.28 6.92
N LEU D 182 -7.41 16.84 8.12
CA LEU D 182 -8.67 17.39 8.58
C LEU D 182 -8.39 18.53 9.53
N TYR D 183 -9.48 19.14 10.01
CA TYR D 183 -9.39 20.28 10.91
C TYR D 183 -10.40 20.16 12.04
N SER D 184 -10.05 20.73 13.18
CA SER D 184 -10.99 20.98 14.25
C SER D 184 -11.08 22.49 14.48
N LYS D 185 -12.15 22.93 15.13
CA LYS D 185 -12.33 24.36 15.37
C LYS D 185 -12.98 24.54 16.75
N LEU D 186 -12.17 24.95 17.72
CA LEU D 186 -12.67 25.32 19.04
C LEU D 186 -13.08 26.79 18.98
N THR D 187 -14.33 27.08 19.35
CA THR D 187 -14.81 28.44 19.52
C THR D 187 -14.75 28.81 21.00
N VAL D 188 -13.96 29.82 21.32
CA VAL D 188 -13.67 30.22 22.69
C VAL D 188 -14.22 31.63 22.90
N GLU D 189 -14.77 31.88 24.08
CA GLU D 189 -15.06 33.25 24.46
C GLU D 189 -13.75 34.01 24.74
N ALA D 190 -13.62 35.18 24.13
CA ALA D 190 -12.30 35.82 24.01
C ALA D 190 -11.60 36.02 25.35
N SER D 191 -12.36 36.17 26.44
CA SER D 191 -11.71 36.39 27.75
C SER D 191 -10.92 35.17 28.19
N ARG D 192 -11.49 33.97 28.00
CA ARG D 192 -10.79 32.73 28.31
C ARG D 192 -9.42 32.70 27.63
N TRP D 193 -9.37 33.09 26.35
CA TRP D 193 -8.11 33.07 25.62
C TRP D 193 -7.13 34.11 26.16
N TRP D 194 -7.62 35.30 26.51
CA TRP D 194 -6.73 36.42 26.79
C TRP D 194 -6.10 36.37 28.18
N GLN D 195 -6.51 35.44 29.05
CA GLN D 195 -5.91 35.36 30.37
C GLN D 195 -4.75 34.38 30.46
N GLY D 196 -4.66 33.40 29.57
CA GLY D 196 -3.56 32.46 29.56
C GLY D 196 -3.99 31.01 29.52
N ASN D 197 -5.30 30.78 29.53
CA ASN D 197 -5.86 29.44 29.50
C ASN D 197 -5.24 28.62 28.38
N VAL D 198 -4.73 27.44 28.74
CA VAL D 198 -4.07 26.55 27.80
C VAL D 198 -5.08 25.54 27.29
N PHE D 199 -5.23 25.47 25.98
CA PHE D 199 -6.16 24.56 25.31
C PHE D 199 -5.35 23.49 24.59
N SER D 200 -5.84 22.26 24.63
CA SER D 200 -5.14 21.11 24.06
C SER D 200 -6.01 20.41 23.04
N CYS D 201 -5.40 20.04 21.93
CA CYS D 201 -6.05 19.32 20.85
C CYS D 201 -5.57 17.88 20.93
N SER D 202 -6.31 17.05 21.66
CA SER D 202 -5.95 15.65 21.86
C SER D 202 -6.39 14.84 20.65
N VAL D 203 -5.50 13.98 20.15
CA VAL D 203 -5.74 13.23 18.92
C VAL D 203 -5.50 11.76 19.18
N MET D 204 -6.18 10.93 18.40
CA MET D 204 -6.13 9.48 18.55
C MET D 204 -6.06 8.89 17.16
N HIS D 205 -5.04 8.07 16.91
CA HIS D 205 -4.91 7.38 15.65
C HIS D 205 -4.24 6.03 15.89
N GLU D 206 -4.30 5.16 14.88
CA GLU D 206 -3.74 3.83 15.00
C GLU D 206 -2.22 3.82 14.85
N ALA D 207 -1.67 4.64 13.96
CA ALA D 207 -0.23 4.61 13.68
C ALA D 207 0.57 5.40 14.71
N LEU D 208 0.05 5.51 15.93
CA LEU D 208 0.70 6.24 17.00
C LEU D 208 1.32 5.28 18.00
N HIS D 209 2.18 5.82 18.88
CA HIS D 209 2.60 5.08 20.06
C HIS D 209 1.59 5.31 21.17
N ASN D 210 1.10 4.22 21.77
CA ASN D 210 0.01 4.25 22.73
C ASN D 210 -1.27 4.75 22.07
N HIS D 211 -1.23 4.99 20.76
CA HIS D 211 -2.37 5.44 19.98
C HIS D 211 -2.89 6.82 20.42
N TYR D 212 -2.00 7.70 20.87
CA TYR D 212 -2.47 8.98 21.40
C TYR D 212 -1.30 9.97 21.50
N THR D 213 -1.58 11.21 21.15
CA THR D 213 -0.74 12.35 21.49
C THR D 213 -1.66 13.52 21.84
N GLN D 214 -1.06 14.65 22.19
CA GLN D 214 -1.83 15.86 22.49
C GLN D 214 -0.85 17.01 22.52
N TRP D 215 -1.11 18.01 21.70
CA TRP D 215 -0.32 19.23 21.67
C TRP D 215 -1.15 20.38 22.23
N SER D 216 -0.53 21.17 23.11
CA SER D 216 -1.24 22.24 23.78
C SER D 216 -0.89 23.57 23.12
N LEU D 217 -1.79 24.54 23.31
CA LEU D 217 -1.63 25.86 22.69
C LEU D 217 -2.27 26.93 23.55
N SER D 218 -1.47 27.94 23.89
CA SER D 218 -1.97 29.14 24.54
C SER D 218 -1.07 30.29 24.11
N ARG D 219 -1.55 31.51 24.33
CA ARG D 219 -0.74 32.70 24.04
C ARG D 219 -1.17 33.90 24.84
C1 NAG E . 38.07 -26.32 6.84
C2 NAG E . 37.37 -25.07 7.42
C3 NAG E . 35.83 -25.20 7.33
C4 NAG E . 35.31 -26.47 7.99
C5 NAG E . 36.40 -27.53 8.03
C6 NAG E . 35.85 -28.94 8.08
C7 NAG E . 38.20 -23.62 9.23
C8 NAG E . 38.22 -22.52 8.22
N2 NAG E . 37.79 -24.82 8.79
O3 NAG E . 35.45 -25.18 5.96
O4 NAG E . 34.78 -26.22 9.30
O5 NAG E . 37.16 -27.44 6.82
O6 NAG E . 35.37 -29.37 6.81
O7 NAG E . 38.55 -23.45 10.39
C1 NAG E . 33.83 -25.10 9.21
C2 NAG E . 32.38 -25.60 9.17
C3 NAG E . 31.46 -24.40 8.97
C4 NAG E . 31.73 -23.28 9.96
C5 NAG E . 33.24 -23.01 10.16
C6 NAG E . 33.53 -22.16 11.38
C7 NAG E . 31.67 -27.81 8.36
C8 NAG E . 31.52 -28.70 7.17
N2 NAG E . 32.17 -26.59 8.13
O3 NAG E . 30.09 -24.82 9.06
O4 NAG E . 31.18 -22.09 9.42
O5 NAG E . 34.00 -24.21 10.31
O6 NAG E . 34.71 -22.59 12.04
O7 NAG E . 31.37 -28.18 9.49
C1 BMA E . 29.80 -21.78 9.73
C2 BMA E . 29.80 -20.23 9.90
C3 BMA E . 28.40 -19.60 9.85
C4 BMA E . 27.46 -20.28 8.82
C5 BMA E . 27.52 -21.82 8.94
C6 BMA E . 26.61 -22.49 7.90
O2 BMA E . 30.55 -19.61 8.86
O3 BMA E . 28.53 -18.21 9.52
O4 BMA E . 26.13 -19.87 9.04
O5 BMA E . 28.89 -22.24 8.73
O6 BMA E . 26.81 -23.92 7.89
C1 MAN E . 28.65 -17.38 10.70
C2 MAN E . 27.49 -16.40 10.58
C3 MAN E . 27.98 -15.01 10.12
C4 MAN E . 28.89 -14.42 11.18
C5 MAN E . 30.01 -15.42 11.55
C6 MAN E . 30.04 -15.71 13.05
O2 MAN E . 26.86 -16.24 11.84
O3 MAN E . 26.87 -14.12 9.86
O4 MAN E . 29.45 -13.18 10.71
O5 MAN E . 29.91 -16.69 10.78
O6 MAN E . 29.54 -14.56 13.74
C1 NAG E . 25.54 -16.79 11.67
C2 NAG E . 24.61 -15.96 12.52
C3 NAG E . 23.17 -15.99 11.98
C4 NAG E . 22.89 -17.14 11.01
C5 NAG E . 24.04 -17.50 10.06
C6 NAG E . 23.71 -17.29 8.60
C7 NAG E . 25.32 -15.70 14.85
C8 NAG E . 26.03 -14.45 14.40
N2 NAG E . 24.66 -16.37 13.91
O3 NAG E . 22.88 -14.75 11.35
O4 NAG E . 22.42 -18.31 11.67
O5 NAG E . 25.18 -16.68 10.34
O6 NAG E . 23.82 -18.50 7.85
O7 NAG E . 25.36 -16.07 16.03
C1 GAL E . 21.55 -18.95 10.71
C2 GAL E . 21.75 -20.48 10.62
C3 GAL E . 20.95 -21.04 9.43
C4 GAL E . 20.02 -19.93 8.75
C5 GAL E . 19.35 -18.95 9.78
C6 GAL E . 17.92 -19.33 10.22
O2 GAL E . 23.12 -20.86 10.45
O3 GAL E . 20.13 -22.14 9.83
O4 GAL E . 19.02 -20.52 7.89
O5 GAL E . 20.15 -18.77 10.98
O6 GAL E . 17.52 -18.67 11.41
C1 MAN E . 25.88 -24.53 6.95
C2 MAN E . 25.97 -26.08 7.10
C3 MAN E . 27.34 -26.56 6.60
C4 MAN E . 27.56 -26.09 5.16
C5 MAN E . 27.42 -24.56 5.05
C6 MAN E . 27.48 -24.07 3.62
O2 MAN E . 24.99 -26.77 6.28
O3 MAN E . 27.49 -27.98 6.67
O4 MAN E . 28.86 -26.51 4.73
O5 MAN E . 26.15 -24.12 5.62
O6 MAN E . 26.82 -25.05 2.81
C1 NAG E . 23.85 -27.25 7.05
C2 NAG E . 22.60 -27.08 6.17
C3 NAG E . 21.36 -27.64 6.88
C4 NAG E . 21.59 -29.03 7.47
C5 NAG E . 22.90 -29.06 8.26
C6 NAG E . 23.27 -30.44 8.75
C7 NAG E . 22.15 -25.22 4.62
C8 NAG E . 22.06 -26.25 3.53
N2 NAG E . 22.40 -25.68 5.85
O3 NAG E . 20.30 -27.70 5.93
O4 NAG E . 20.54 -29.31 8.39
O5 NAG E . 23.98 -28.62 7.43
O6 NAG E . 22.86 -31.46 7.85
O7 NAG E . 21.99 -24.02 4.39
C1 GAL E . 19.77 -30.54 8.25
C2 GAL E . 18.22 -30.25 8.42
C3 GAL E . 17.42 -31.56 8.56
C4 GAL E . 17.73 -32.54 7.37
C5 GAL E . 19.26 -32.59 7.02
C6 GAL E . 19.59 -33.26 5.69
O2 GAL E . 17.92 -29.40 9.55
O3 GAL E . 16.00 -31.32 8.61
O4 GAL E . 16.94 -32.23 6.21
O5 GAL E . 19.93 -31.28 7.01
O6 GAL E . 20.97 -33.58 5.60
C1 NAG F . 26.72 -7.79 12.40
C2 NAG F . 27.36 -9.05 11.84
C3 NAG F . 27.52 -8.97 10.33
C4 NAG F . 28.01 -7.62 9.82
C5 NAG F . 27.54 -6.40 10.65
C6 NAG F . 26.17 -5.90 10.25
C7 NAG F . 28.93 -10.47 13.09
C8 NAG F . 27.85 -11.51 13.08
N2 NAG F . 28.64 -9.32 12.48
O3 NAG F . 26.28 -9.32 9.70
O4 NAG F . 29.41 -7.60 9.57
O5 NAG F . 27.49 -6.68 12.05
O6 NAG F . 26.20 -5.19 9.03
O7 NAG F . 30.02 -10.67 13.62
C1 NAG F . 29.54 -8.49 8.40
C2 NAG F . 29.75 -7.70 7.12
C3 NAG F . 29.61 -8.63 5.93
C4 NAG F . 30.37 -9.95 6.11
C5 NAG F . 30.58 -10.45 7.56
C6 NAG F . 31.85 -11.26 7.73
C7 NAG F . 29.01 -5.55 6.19
C8 NAG F . 27.94 -4.48 6.21
N2 NAG F . 28.82 -6.58 7.02
O3 NAG F . 30.04 -7.98 4.74
O4 NAG F . 29.57 -10.96 5.48
O5 NAG F . 30.63 -9.41 8.55
O6 NAG F . 31.58 -12.65 7.88
O7 NAG F . 29.99 -5.46 5.46
C1 BMA F . 29.80 -11.29 4.09
C2 BMA F . 29.59 -12.81 4.05
C3 BMA F . 29.56 -13.34 2.61
C4 BMA F . 28.55 -12.59 1.78
C5 BMA F . 28.98 -11.12 1.76
C6 BMA F . 28.09 -10.30 0.81
O2 BMA F . 28.33 -13.16 4.63
O3 BMA F . 29.27 -14.73 2.57
O4 BMA F . 28.54 -13.09 0.47
O5 BMA F . 28.94 -10.59 3.14
O6 BMA F . 27.89 -9.04 1.37
C1 MAN F . 27.46 -8.11 0.36
C2 MAN F . 27.78 -6.71 0.90
C3 MAN F . 26.99 -6.49 2.20
C4 MAN F . 25.49 -6.87 2.05
C5 MAN F . 25.30 -8.23 1.36
C6 MAN F . 23.88 -8.51 0.97
O2 MAN F . 27.35 -5.67 0.02
O3 MAN F . 27.10 -5.14 2.66
O4 MAN F . 24.88 -6.92 3.33
O5 MAN F . 26.09 -8.26 0.15
O6 MAN F . 23.46 -9.70 1.63
C1 NAG F . 28.33 -5.36 -0.99
C2 NAG F . 27.52 -4.96 -2.26
C3 NAG F . 27.56 -3.45 -2.56
C4 NAG F . 28.96 -2.86 -2.50
C5 NAG F . 29.93 -3.76 -1.76
C6 NAG F . 31.11 -3.00 -1.20
C7 NAG F . 27.24 -6.82 -3.84
C8 NAG F . 26.02 -7.19 -3.02
N2 NAG F . 27.91 -5.74 -3.42
O3 NAG F . 26.68 -2.76 -1.68
O4 NAG F . 29.45 -2.51 -3.79
O5 NAG F . 29.24 -4.31 -0.64
O6 NAG F . 30.78 -1.67 -0.83
O7 NAG F . 27.58 -7.48 -4.81
C1 GAL F . 29.38 -1.06 -3.82
C2 GAL F . 30.31 -0.42 -4.92
C3 GAL F . 30.16 1.12 -4.95
C4 GAL F . 28.66 1.54 -5.04
C5 GAL F . 27.83 0.80 -3.95
C6 GAL F . 26.31 1.02 -4.01
O2 GAL F . 31.70 -0.69 -4.72
O3 GAL F . 30.88 1.71 -6.05
O4 GAL F . 28.13 1.26 -6.34
O5 GAL F . 28.02 -0.62 -4.04
O6 GAL F . 25.61 0.17 -3.11
C1 MAN F . 30.49 -15.42 2.23
C2 MAN F . 30.14 -16.79 1.62
C3 MAN F . 29.45 -17.65 2.67
C4 MAN F . 30.36 -17.84 3.90
C5 MAN F . 30.88 -16.47 4.45
C6 MAN F . 32.01 -16.60 5.47
O2 MAN F . 31.34 -17.47 1.29
O3 MAN F . 29.02 -18.92 2.14
O4 MAN F . 29.65 -18.53 4.94
O5 MAN F . 31.35 -15.59 3.38
O6 MAN F . 33.23 -16.86 4.78
C1 NAG F . 31.34 -17.98 -0.06
C2 NAG F . 30.79 -16.96 -1.09
C3 NAG F . 31.88 -16.49 -2.03
C4 NAG F . 33.14 -16.16 -1.24
C5 NAG F . 33.73 -17.44 -0.68
C6 NAG F . 34.43 -17.24 0.65
C7 NAG F . 28.48 -16.95 -1.96
C8 NAG F . 28.32 -15.62 -1.29
N2 NAG F . 29.67 -17.53 -1.83
O3 NAG F . 31.44 -15.35 -2.75
O4 NAG F . 34.10 -15.53 -2.08
O5 NAG F . 32.71 -18.43 -0.49
O6 NAG F . 34.66 -18.47 1.32
O7 NAG F . 27.57 -17.47 -2.61
C1 NAG G . -26.54 3.31 -16.44
C2 NAG G . -26.83 2.95 -15.00
C3 NAG G . -27.03 4.22 -14.19
C4 NAG G . -25.83 5.16 -14.35
C5 NAG G . -25.48 5.35 -15.84
C6 NAG G . -24.14 6.04 -16.03
C7 NAG G . -27.98 0.96 -14.16
C8 NAG G . -29.25 0.18 -14.14
N2 NAG G . -27.99 2.08 -14.89
O3 NAG G . -27.20 3.85 -12.82
O4 NAG G . -26.14 6.45 -13.81
O5 NAG G . -25.38 4.09 -16.51
O6 NAG G . -23.14 5.12 -16.42
O7 NAG G . -26.98 0.60 -13.53
C1 NAG G . -25.99 6.49 -12.38
C2 NAG G . -25.12 7.69 -11.94
C3 NAG G . -26.00 8.88 -11.53
C4 NAG G . -26.96 8.52 -10.40
C5 NAG G . -27.24 7.03 -10.41
C6 NAG G . -28.58 6.67 -9.79
C7 NAG G . -23.08 6.63 -11.03
C8 NAG G . -22.28 6.36 -9.79
N2 NAG G . -24.21 7.33 -10.85
O3 NAG G . -26.71 9.35 -12.68
O4 NAG G . -26.39 8.88 -9.14
O5 NAG G . -27.28 6.57 -11.76
O6 NAG G . -28.81 5.27 -9.88
O7 NAG G . -22.73 6.25 -12.14
C1 BMA G . -26.92 10.12 -8.63
C2 BMA G . -27.96 9.76 -7.57
C3 BMA G . -28.24 10.90 -6.53
C4 BMA G . -27.14 11.98 -6.38
C5 BMA G . -26.25 12.16 -7.61
C6 BMA G . -24.99 12.93 -7.22
O2 BMA G . -27.52 8.63 -6.84
O3 BMA G . -28.38 10.33 -5.26
O4 BMA G . -27.75 13.23 -6.04
O5 BMA G . -25.87 10.89 -8.09
O6 BMA G . -24.48 13.63 -8.34
C1 MAN G . -29.69 10.53 -4.71
C2 MAN G . -29.52 11.11 -3.26
C3 MAN G . -29.01 10.04 -2.27
C4 MAN G . -29.68 8.66 -2.51
C5 MAN G . -29.62 8.29 -4.01
C6 MAN G . -30.23 6.94 -4.36
O2 MAN G . -30.75 11.60 -2.71
O3 MAN G . -29.19 10.44 -0.90
O4 MAN G . -29.02 7.68 -1.72
O5 MAN G . -30.34 9.30 -4.74
O6 MAN G . -29.39 6.28 -5.34
C1 NAG G . -30.77 13.05 -2.86
C2 NAG G . -32.23 13.47 -2.72
C3 NAG G . -32.37 14.98 -2.40
C4 NAG G . -31.06 15.79 -2.36
C5 NAG G . -29.76 14.99 -2.23
C6 NAG G . -28.82 15.54 -1.16
C7 NAG G . -33.65 11.97 -4.07
C8 NAG G . -34.37 11.79 -5.37
N2 NAG G . -32.98 13.13 -3.92
O3 NAG G . -33.07 15.14 -1.18
O4 NAG G . -30.96 16.71 -3.44
O5 NAG G . -30.03 13.63 -1.87
O6 NAG G . -27.49 15.09 -1.35
O7 NAG G . -33.68 11.13 -3.18
C1 GAL G . -31.88 16.45 -4.54
C2 GAL G . -32.68 17.73 -4.98
C3 GAL G . -33.81 17.28 -5.93
C4 GAL G . -33.19 16.59 -7.18
C5 GAL G . -32.15 15.50 -6.76
C6 GAL G . -31.26 15.06 -7.90
O2 GAL G . -33.25 18.46 -3.90
O3 GAL G . -34.64 18.37 -6.36
O4 GAL G . -32.56 17.54 -8.02
O5 GAL G . -31.22 15.94 -5.73
O6 GAL G . -29.98 14.66 -7.42
C1 MAN G . -23.30 12.97 -8.84
C2 MAN G . -23.45 12.92 -10.41
C3 MAN G . -23.08 11.52 -10.94
C4 MAN G . -21.82 11.02 -10.20
C5 MAN G . -22.24 10.63 -8.78
C6 MAN G . -21.08 10.26 -7.81
O2 MAN G . -22.52 13.80 -11.07
O3 MAN G . -22.91 11.50 -12.36
O4 MAN G . -21.26 9.88 -10.85
O5 MAN G . -23.10 11.68 -8.16
O6 MAN G . -20.17 11.36 -7.70
C1 NAG G . -22.94 15.16 -11.26
C2 NAG G . -21.78 16.07 -10.85
C3 NAG G . -22.11 17.53 -11.14
C4 NAG G . -22.43 17.69 -12.62
C5 NAG G . -23.62 16.80 -12.96
C6 NAG G . -23.96 16.81 -14.44
C7 NAG G . -20.18 15.63 -9.02
C8 NAG G . -19.14 15.52 -10.10
N2 NAG G . -21.43 15.90 -9.45
O3 NAG G . -21.02 18.36 -10.77
O4 NAG G . -22.65 19.06 -12.94
O5 NAG G . -23.32 15.43 -12.63
O6 NAG G . -24.65 18.00 -14.81
O7 NAG G . -19.91 15.50 -7.84
C1 GAL G . -21.68 19.50 -13.92
C2 GAL G . -21.37 21.03 -13.71
C3 GAL G . -20.32 21.58 -14.74
C4 GAL G . -19.06 20.64 -14.86
C5 GAL G . -19.50 19.15 -14.97
C6 GAL G . -18.36 18.08 -15.05
O2 GAL G . -22.56 21.83 -13.79
O3 GAL G . -19.87 22.90 -14.39
O4 GAL G . -18.14 20.85 -13.78
O5 GAL G . -20.42 18.77 -13.90
O6 GAL G . -17.44 18.16 -13.96
C1 FUL G . -22.22 4.89 -15.32
C2 FUL G . -20.92 4.29 -15.81
O2 FUL G . -20.44 4.96 -17.00
C3 FUL G . -19.90 4.41 -14.73
O3 FUL G . -18.69 3.68 -15.13
C4 FUL G . -20.37 3.93 -13.38
O4 FUL G . -19.53 2.85 -12.96
C5 FUL G . -21.84 3.47 -13.27
C6 FUL G . -21.91 1.97 -13.30
O5 FUL G . -22.81 4.01 -14.25
C1 NAG H . -37.67 6.31 7.12
C2 NAG H . -37.23 5.79 5.73
C3 NAG H . -35.93 5.00 5.85
C4 NAG H . -34.91 5.78 6.67
C5 NAG H . -35.42 5.95 8.10
C6 NAG H . -35.21 7.34 8.64
C7 NAG H . -38.82 5.27 3.93
C8 NAG H . -38.32 6.52 3.26
N2 NAG H . -38.27 4.98 5.12
O3 NAG H . -35.41 4.74 4.54
O4 NAG H . -33.71 5.03 6.70
O5 NAG H . -36.84 5.69 8.16
O6 NAG H . -35.28 7.37 10.07
O7 NAG H . -39.68 4.56 3.43
C1 NAG H . -32.69 5.72 5.98
C2 NAG H . -31.41 5.63 6.81
C3 NAG H . -30.22 6.24 6.05
C4 NAG H . -30.13 5.71 4.63
C5 NAG H . -31.48 5.78 3.93
C6 NAG H . -31.49 5.13 2.56
C7 NAG H . -31.91 5.66 9.22
C8 NAG H . -32.05 6.52 10.44
N2 NAG H . -31.58 6.30 8.09
O3 NAG H . -29.04 5.94 6.78
O4 NAG H . -29.20 6.49 3.88
O5 NAG H . -32.48 5.11 4.72
O6 NAG H . -32.77 4.62 2.23
O7 NAG H . -32.12 4.45 9.25
C1 BMA H . -27.84 6.00 4.04
C2 BMA H . -27.11 6.16 2.71
C3 BMA H . -25.64 5.70 2.86
C4 BMA H . -24.96 6.21 4.18
C5 BMA H . -25.90 6.15 5.42
C6 BMA H . -25.39 6.91 6.66
O2 BMA H . -27.08 7.52 2.30
O3 BMA H . -24.87 6.07 1.70
O4 BMA H . -23.79 5.45 4.44
O5 BMA H . -27.16 6.72 5.06
O6 BMA H . -26.40 6.85 7.70
C1 MAN H . -25.85 7.17 9.00
C2 MAN H . -26.70 6.45 10.08
C3 MAN H . -28.10 6.97 10.03
C4 MAN H . -28.08 8.48 10.35
C5 MAN H . -27.13 9.25 9.37
C6 MAN H . -26.86 10.68 9.83
O2 MAN H . -26.30 6.83 11.40
O3 MAN H . -28.93 6.28 10.97
O4 MAN H . -29.40 9.02 10.29
O5 MAN H . -25.83 8.58 9.24
O6 MAN H . -26.44 11.45 8.71
C1 NAG H . -25.15 6.08 11.80
C2 NAG H . -24.37 6.92 12.81
C3 NAG H . -23.11 6.18 13.24
C4 NAG H . -23.46 4.79 13.76
C5 NAG H . -24.38 4.03 12.79
C6 NAG H . -24.95 2.75 13.36
C7 NAG H . -24.67 9.36 12.62
C8 NAG H . -25.76 9.22 13.65
N2 NAG H . -24.04 8.23 12.27
O3 NAG H . -22.42 6.93 14.23
O4 NAG H . -22.26 4.06 13.96
O5 NAG H . -25.51 4.84 12.40
O6 NAG H . -25.76 2.06 12.42
O7 NAG H . -24.38 10.45 12.14
C1 GAL H . -22.21 3.40 15.26
C2 GAL H . -20.96 2.47 15.35
C3 GAL H . -20.94 1.64 16.65
C4 GAL H . -21.29 2.50 17.92
C5 GAL H . -22.29 3.68 17.64
C6 GAL H . -22.24 4.81 18.67
O2 GAL H . -20.87 1.55 14.25
O3 GAL H . -19.64 1.08 16.87
O4 GAL H . -20.09 2.97 18.55
O5 GAL H . -22.14 4.32 16.35
O6 GAL H . -22.97 5.96 18.23
C1 MAN H . -24.68 4.94 0.81
C2 MAN H . -23.67 5.32 -0.30
C3 MAN H . -24.30 6.38 -1.19
C4 MAN H . -25.52 5.78 -1.86
C5 MAN H . -26.53 5.39 -0.77
C6 MAN H . -27.73 4.66 -1.32
O2 MAN H . -23.47 4.19 -1.14
O3 MAN H . -23.40 6.91 -2.18
O4 MAN H . -26.12 6.72 -2.72
O5 MAN H . -25.91 4.50 0.22
O6 MAN H . -28.90 5.36 -0.92
C1 NAG H . -22.15 4.10 -1.73
C2 NAG H . -21.04 4.51 -0.74
C3 NAG H . -20.13 3.32 -0.45
C4 NAG H . -20.96 2.11 -0.08
C5 NAG H . -21.76 1.65 -1.30
C6 NAG H . -23.15 1.17 -0.96
C7 NAG H . -20.02 6.75 -0.58
C8 NAG H . -20.58 6.82 0.81
N2 NAG H . -20.27 5.63 -1.26
O3 NAG H . -19.24 3.64 0.62
O4 NAG H . -20.13 1.05 0.36
O5 NAG H . -21.89 2.72 -2.25
O6 NAG H . -24.11 1.60 -1.93
O7 NAG H . -19.38 7.68 -1.06
C1 FUL I . 32.73 -31.48 4.74
C2 FUL I . 33.35 -32.87 4.91
O2 FUL I . 32.39 -33.84 4.44
C3 FUL I . 34.61 -33.10 4.16
O3 FUL I . 35.30 -34.27 4.72
C4 FUL I . 35.54 -31.93 4.19
O4 FUL I . 36.07 -31.77 5.52
C5 FUL I . 34.84 -30.63 3.76
C6 FUL I . 35.81 -29.49 3.76
O5 FUL I . 33.71 -30.33 4.65
#